data_8JXP
#
_entry.id   8JXP
#
loop_
_entity.id
_entity.type
_entity.pdbx_description
1 polymer BlCHR2
2 non-polymer 'POTASSIUM ION'
3 non-polymer RETINAL
4 water water
#
_entity_poly.entity_id   1
_entity_poly.type   'polypeptide(L)'
_entity_poly.pdbx_seq_one_letter_code
;MSECCELCVCQKEPGTFGALIAVNTITAIILVAAGAYMAWKTAAGLGWNTRPHGPEGPPEENWLSPGISILCGVMYAFKA
IDWASYNDTGESTAFSLNQVWYSDYLITCPLLVLDFCITVNLRYKLVFSSSIACLLAIAVSTFIVDAPYRYYMYGIGLAG
FICAGYALWNEINAQREKIPDSAWWYLSAGRLIFFAGWPFFPLLWTLSFHTSGVINEEWYFILHAILDILCKAVFGFFML
GFRLELEELDFKAIEAEQAKLEGDKEAQALKNDKDTGEVLRHYNRASSGFFGQGIPDDQGSVSGGSVLMSRARRQHMLYR
REASYLSMDPMAEKIRELEMLKKKIQKEVDSRSKKMQREMTARFAIQDDSDDEDGGRGAGSARRRKNARRG
;
_entity_poly.pdbx_strand_id   A,B,C
#
# COMPACT_ATOMS: atom_id res chain seq x y z
N SER A 2 -13.71 10.48 -31.81
CA SER A 2 -12.82 9.33 -31.79
C SER A 2 -12.49 8.97 -30.35
N GLU A 3 -11.45 8.15 -30.16
CA GLU A 3 -11.02 7.81 -28.81
C GLU A 3 -10.59 9.09 -28.13
N CYS A 4 -9.86 9.93 -28.86
CA CYS A 4 -9.45 11.20 -28.30
C CYS A 4 -10.55 12.23 -28.48
N CYS A 5 -10.96 12.86 -27.39
CA CYS A 5 -11.99 13.87 -27.47
C CYS A 5 -11.44 15.12 -28.13
N GLU A 6 -12.30 15.95 -28.70
CA GLU A 6 -11.85 17.14 -29.40
C GLU A 6 -10.81 17.94 -28.63
N LEU A 7 -11.03 18.13 -27.33
CA LEU A 7 -10.12 18.93 -26.52
C LEU A 7 -9.12 18.07 -25.75
N CYS A 8 -8.36 17.24 -26.44
CA CYS A 8 -7.40 16.39 -25.77
C CYS A 8 -6.00 16.58 -26.32
N VAL A 9 -5.00 16.07 -25.62
CA VAL A 9 -3.61 16.22 -26.05
C VAL A 9 -3.29 15.20 -27.12
N CYS A 10 -4.22 14.28 -27.36
CA CYS A 10 -4.00 13.24 -28.35
C CYS A 10 -4.40 13.74 -29.72
N GLN A 11 -4.99 14.93 -29.77
CA GLN A 11 -5.38 15.51 -31.05
C GLN A 11 -4.31 16.50 -31.49
N LYS A 12 -3.34 16.76 -30.64
CA LYS A 12 -2.27 17.70 -30.97
C LYS A 12 -1.21 17.00 -31.81
N GLU A 13 -0.69 17.70 -32.81
CA GLU A 13 0.29 17.10 -33.71
C GLU A 13 1.70 17.06 -33.12
N PRO A 14 2.53 16.12 -33.59
CA PRO A 14 3.91 16.07 -33.13
C PRO A 14 4.63 17.38 -33.36
N GLY A 15 5.28 17.92 -32.34
CA GLY A 15 6.00 19.17 -32.49
C GLY A 15 5.32 20.32 -31.79
N THR A 16 4.10 20.09 -31.32
CA THR A 16 3.36 21.16 -30.67
C THR A 16 3.25 20.94 -29.17
N PHE A 17 4.17 20.18 -28.60
CA PHE A 17 4.08 19.87 -27.18
C PHE A 17 5.13 20.59 -26.36
N GLY A 18 5.93 21.46 -26.99
CA GLY A 18 6.98 22.16 -26.29
C GLY A 18 6.55 22.82 -25.01
N ALA A 19 5.41 23.50 -25.02
CA ALA A 19 4.89 24.15 -23.83
C ALA A 19 4.72 23.17 -22.69
N LEU A 20 4.10 22.04 -22.97
CA LEU A 20 3.87 21.04 -21.93
C LEU A 20 5.17 20.50 -21.35
N ILE A 21 6.13 20.16 -22.21
CA ILE A 21 7.43 19.70 -21.72
C ILE A 21 8.05 20.76 -20.83
N ALA A 22 8.07 22.01 -21.31
CA ALA A 22 8.66 23.09 -20.53
C ALA A 22 8.01 23.26 -19.17
N VAL A 23 6.70 23.39 -19.12
CA VAL A 23 5.99 23.52 -17.86
C VAL A 23 6.33 22.37 -16.94
N ASN A 24 6.26 21.14 -17.44
CA ASN A 24 6.49 19.98 -16.60
C ASN A 24 7.95 19.83 -16.15
N THR A 25 8.91 20.28 -16.95
CA THR A 25 10.30 20.23 -16.50
C THR A 25 10.53 21.29 -15.45
N ILE A 26 9.98 22.48 -15.67
CA ILE A 26 10.13 23.56 -14.70
C ILE A 26 9.53 23.16 -13.37
N THR A 27 8.34 22.58 -13.38
CA THR A 27 7.72 22.16 -12.14
C THR A 27 8.48 21.02 -11.51
N ALA A 28 9.04 20.12 -12.30
CA ALA A 28 9.86 19.05 -11.75
C ALA A 28 11.01 19.66 -10.99
N ILE A 29 11.75 20.57 -11.63
CA ILE A 29 12.85 21.25 -10.97
C ILE A 29 12.37 21.91 -9.68
N ILE A 30 11.34 22.75 -9.76
CA ILE A 30 10.83 23.44 -8.59
C ILE A 30 10.51 22.46 -7.47
N LEU A 31 9.69 21.46 -7.74
CA LEU A 31 9.30 20.52 -6.70
C LEU A 31 10.48 19.76 -6.12
N VAL A 32 11.38 19.27 -6.96
CA VAL A 32 12.55 18.55 -6.47
C VAL A 32 13.45 19.48 -5.65
N ALA A 33 13.72 20.68 -6.14
CA ALA A 33 14.57 21.62 -5.42
C ALA A 33 13.94 22.12 -4.12
N ALA A 34 12.63 22.29 -4.10
CA ALA A 34 11.95 22.70 -2.89
C ALA A 34 12.07 21.59 -1.89
N GLY A 35 11.83 20.37 -2.35
CA GLY A 35 11.95 19.21 -1.48
C GLY A 35 13.35 19.00 -1.00
N ALA A 36 14.34 19.34 -1.83
CA ALA A 36 15.73 19.21 -1.44
C ALA A 36 16.11 20.26 -0.42
N TYR A 37 15.56 21.46 -0.52
CA TYR A 37 15.82 22.47 0.50
C TYR A 37 15.19 22.01 1.78
N MET A 38 13.97 21.50 1.71
CA MET A 38 13.28 21.01 2.88
C MET A 38 14.08 19.88 3.50
N ALA A 39 14.63 19.00 2.66
CA ALA A 39 15.43 17.88 3.16
C ALA A 39 16.68 18.38 3.82
N TRP A 40 17.36 19.32 3.20
CA TRP A 40 18.54 19.90 3.82
C TRP A 40 18.17 20.52 5.16
N LYS A 41 17.14 21.35 5.18
CA LYS A 41 16.75 22.03 6.42
C LYS A 41 16.44 21.03 7.53
N THR A 42 15.74 19.95 7.21
CA THR A 42 15.40 18.96 8.24
C THR A 42 16.63 18.24 8.73
N ALA A 43 17.54 17.89 7.81
CA ALA A 43 18.75 17.20 8.20
C ALA A 43 19.70 18.10 8.96
N ALA A 44 19.97 19.29 8.42
CA ALA A 44 20.92 20.21 9.04
C ALA A 44 20.66 20.47 10.52
N GLY A 45 19.41 20.75 10.87
CA GLY A 45 19.14 21.08 12.24
C GLY A 45 17.73 21.02 12.72
N LEU A 46 17.52 21.41 13.97
CA LEU A 46 16.20 21.35 14.55
C LEU A 46 15.37 22.57 14.18
N GLY A 47 15.70 23.72 14.74
CA GLY A 47 14.88 24.88 14.50
C GLY A 47 15.29 25.79 13.38
N TRP A 48 14.99 27.07 13.52
CA TRP A 48 15.34 28.04 12.50
C TRP A 48 16.84 28.25 12.47
N ASN A 49 17.47 28.18 13.63
CA ASN A 49 18.91 28.37 13.70
C ASN A 49 19.64 27.04 13.64
N THR A 50 19.16 26.10 12.83
CA THR A 50 19.77 24.78 12.68
C THR A 50 20.51 24.22 13.89
N ARG A 51 19.78 23.96 14.97
CA ARG A 51 20.39 23.43 16.18
C ARG A 51 20.75 21.97 15.95
N PRO A 52 21.98 21.58 16.28
CA PRO A 52 22.42 20.19 16.07
C PRO A 52 21.36 19.20 16.49
N HIS A 53 20.99 18.27 15.61
CA HIS A 53 19.93 17.32 15.91
C HIS A 53 20.18 16.42 17.12
N GLY A 54 20.87 15.31 16.89
CA GLY A 54 21.13 14.38 17.98
C GLY A 54 21.48 13.00 17.48
N PRO A 55 21.61 12.04 18.40
CA PRO A 55 21.97 10.67 18.02
C PRO A 55 20.96 10.05 17.08
N GLU A 56 19.67 10.14 17.42
CA GLU A 56 18.62 9.56 16.59
C GLU A 56 18.45 10.31 15.28
N GLY A 57 18.80 11.59 15.27
CA GLY A 57 18.70 12.37 14.05
C GLY A 57 17.28 12.87 13.81
N PRO A 58 17.01 13.36 12.59
CA PRO A 58 15.68 13.87 12.27
C PRO A 58 14.64 12.77 12.32
N PRO A 59 13.47 13.06 12.89
CA PRO A 59 12.40 12.06 12.92
C PRO A 59 12.04 11.57 11.53
N GLU A 60 11.51 10.36 11.41
CA GLU A 60 11.19 9.81 10.10
C GLU A 60 10.07 10.56 9.41
N GLU A 61 9.25 11.26 10.19
CA GLU A 61 8.15 12.02 9.63
C GLU A 61 8.64 13.36 9.12
N ASN A 62 9.82 13.78 9.53
CA ASN A 62 10.39 15.02 9.02
C ASN A 62 10.77 14.83 7.56
N TRP A 63 10.78 13.58 7.10
CA TRP A 63 11.05 13.28 5.69
C TRP A 63 9.81 13.08 4.84
N LEU A 64 8.65 12.94 5.45
CA LEU A 64 7.42 12.83 4.69
C LEU A 64 7.26 14.08 3.84
N SER A 65 7.40 15.28 4.40
CA SER A 65 7.22 16.53 3.63
C SER A 65 8.23 16.72 2.46
N PRO A 66 9.59 16.75 2.71
CA PRO A 66 10.47 16.80 1.54
C PRO A 66 10.16 15.67 0.61
N GLY A 67 9.92 14.49 1.16
CA GLY A 67 9.62 13.33 0.36
C GLY A 67 8.60 13.57 -0.71
N ILE A 68 7.40 14.01 -0.35
CA ILE A 68 6.35 14.23 -1.33
C ILE A 68 6.78 15.18 -2.43
N SER A 69 7.34 16.33 -2.05
CA SER A 69 7.79 17.29 -3.04
C SER A 69 8.79 16.69 -4.01
N ILE A 70 9.76 15.95 -3.51
CA ILE A 70 10.76 15.33 -4.40
C ILE A 70 10.11 14.28 -5.30
N LEU A 71 9.25 13.45 -4.75
CA LEU A 71 8.59 12.40 -5.52
C LEU A 71 7.68 12.99 -6.58
N CYS A 72 7.00 14.08 -6.24
CA CYS A 72 6.15 14.74 -7.22
C CYS A 72 7.01 15.37 -8.31
N GLY A 73 8.22 15.75 -7.97
CA GLY A 73 9.12 16.30 -8.95
C GLY A 73 9.61 15.20 -9.85
N VAL A 74 9.86 14.01 -9.30
CA VAL A 74 10.27 12.88 -10.11
C VAL A 74 9.11 12.48 -11.01
N MET A 75 7.90 12.52 -10.46
CA MET A 75 6.72 12.24 -11.27
C MET A 75 6.64 13.22 -12.40
N TYR A 76 6.91 14.49 -12.14
CA TYR A 76 6.76 15.50 -13.19
C TYR A 76 7.85 15.39 -14.20
N ALA A 77 9.02 14.90 -13.81
CA ALA A 77 10.10 14.68 -14.75
C ALA A 77 9.70 13.54 -15.66
N PHE A 78 9.07 12.51 -15.09
CA PHE A 78 8.60 11.41 -15.91
C PHE A 78 7.51 11.89 -16.85
N LYS A 79 6.72 12.87 -16.41
CA LYS A 79 5.65 13.39 -17.23
C LYS A 79 6.23 14.18 -18.38
N ALA A 80 7.31 14.89 -18.13
CA ALA A 80 7.95 15.69 -19.16
C ALA A 80 8.67 14.79 -20.13
N ILE A 81 9.17 13.67 -19.64
CA ILE A 81 9.79 12.73 -20.57
C ILE A 81 8.70 12.21 -21.45
N ASP A 82 7.56 11.90 -20.85
CA ASP A 82 6.42 11.40 -21.60
C ASP A 82 5.98 12.41 -22.63
N TRP A 83 5.89 13.69 -22.24
CA TRP A 83 5.46 14.76 -23.15
C TRP A 83 6.42 14.99 -24.28
N ALA A 84 7.69 14.62 -24.08
CA ALA A 84 8.69 14.74 -25.13
C ALA A 84 8.51 13.66 -26.17
N SER A 85 7.95 12.53 -25.76
CA SER A 85 7.67 11.44 -26.70
C SER A 85 6.48 11.84 -27.52
N TYR A 86 5.58 12.63 -26.94
CA TYR A 86 4.41 13.10 -27.66
C TYR A 86 4.85 14.16 -28.64
N ASN A 87 5.93 14.88 -28.33
CA ASN A 87 6.43 15.91 -29.23
C ASN A 87 7.10 15.27 -30.42
N ASP A 88 7.69 14.11 -30.22
CA ASP A 88 8.41 13.45 -31.31
C ASP A 88 7.56 12.38 -31.98
N THR A 89 7.35 11.27 -31.29
CA THR A 89 6.57 10.17 -31.86
C THR A 89 5.11 10.55 -32.05
N GLY A 90 4.60 11.43 -31.20
CA GLY A 90 3.22 11.84 -31.30
C GLY A 90 2.27 10.88 -30.64
N GLU A 91 2.78 9.97 -29.81
CA GLU A 91 1.92 8.96 -29.21
C GLU A 91 2.29 8.49 -27.82
N SER A 92 2.86 9.36 -26.99
CA SER A 92 3.17 9.01 -25.58
C SER A 92 4.14 7.86 -25.32
N THR A 93 4.37 7.57 -24.04
CA THR A 93 5.25 6.46 -23.68
C THR A 93 4.39 5.33 -23.19
N ALA A 94 5.00 4.20 -22.87
CA ALA A 94 4.26 3.06 -22.34
C ALA A 94 3.93 3.35 -20.90
N PHE A 95 4.89 3.90 -20.18
CA PHE A 95 4.66 4.28 -18.79
C PHE A 95 4.38 5.76 -18.73
N SER A 96 3.13 6.14 -18.96
CA SER A 96 2.77 7.54 -18.98
C SER A 96 2.03 7.90 -17.73
N LEU A 97 2.51 8.90 -17.01
CA LEU A 97 1.84 9.35 -15.81
C LEU A 97 0.81 10.38 -16.20
N ASN A 98 0.70 10.63 -17.51
CA ASN A 98 -0.25 11.60 -18.00
C ASN A 98 -1.50 10.92 -18.56
N GLN A 99 -1.48 9.59 -18.65
CA GLN A 99 -2.63 8.84 -19.15
C GLN A 99 -3.78 8.92 -18.16
N VAL A 100 -3.64 8.25 -17.02
CA VAL A 100 -4.68 8.29 -16.00
C VAL A 100 -4.61 9.60 -15.23
N TRP A 101 -5.70 10.36 -15.24
CA TRP A 101 -5.73 11.65 -14.54
C TRP A 101 -5.91 11.43 -13.06
N TYR A 102 -5.21 12.18 -12.23
CA TYR A 102 -5.33 12.09 -10.77
C TYR A 102 -4.85 10.77 -10.20
N SER A 103 -4.02 10.05 -10.94
CA SER A 103 -3.54 8.76 -10.47
C SER A 103 -2.34 8.98 -9.60
N ASP A 104 -1.61 10.05 -9.87
CA ASP A 104 -0.45 10.38 -9.07
C ASP A 104 -0.90 11.12 -7.85
N TYR A 105 -2.06 11.79 -7.94
CA TYR A 105 -2.57 12.55 -6.82
C TYR A 105 -2.92 11.63 -5.70
N LEU A 106 -3.28 10.38 -6.00
CA LEU A 106 -3.49 9.42 -4.92
C LEU A 106 -2.32 9.42 -3.93
N ILE A 107 -1.19 8.88 -4.34
CA ILE A 107 -0.03 8.88 -3.46
C ILE A 107 0.17 10.26 -2.82
N THR A 108 0.36 11.28 -3.65
CA THR A 108 0.70 12.58 -3.04
C THR A 108 -0.24 12.99 -1.92
N CYS A 109 -1.54 12.88 -2.11
CA CYS A 109 -2.54 13.22 -1.11
C CYS A 109 -2.54 12.36 0.14
N PRO A 110 -2.67 11.03 -0.02
CA PRO A 110 -2.47 10.34 1.25
C PRO A 110 -1.19 10.70 1.98
N LEU A 111 -0.13 11.10 1.29
CA LEU A 111 1.06 11.48 2.04
C LEU A 111 0.97 12.87 2.69
N LEU A 112 0.38 13.85 2.01
CA LEU A 112 0.20 15.20 2.55
C LEU A 112 -0.76 15.33 3.73
N VAL A 113 -1.95 14.74 3.64
CA VAL A 113 -2.87 14.76 4.75
C VAL A 113 -2.21 14.09 5.94
N LEU A 114 -1.49 13.00 5.73
CA LEU A 114 -0.76 12.37 6.82
C LEU A 114 0.21 13.36 7.42
N ASP A 115 1.00 14.04 6.60
CA ASP A 115 1.93 15.05 7.09
C ASP A 115 1.22 16.05 7.98
N PHE A 116 0.22 16.73 7.46
CA PHE A 116 -0.51 17.70 8.24
C PHE A 116 -0.93 17.08 9.56
N CYS A 117 -1.60 15.94 9.50
CA CYS A 117 -2.09 15.33 10.73
C CYS A 117 -1.01 14.92 11.72
N ILE A 118 0.20 14.62 11.26
CA ILE A 118 1.28 14.29 12.17
C ILE A 118 1.88 15.55 12.77
N THR A 119 2.22 16.52 11.94
CA THR A 119 2.85 17.74 12.41
C THR A 119 1.96 18.51 13.39
N VAL A 120 0.69 18.66 13.06
CA VAL A 120 -0.23 19.40 13.91
C VAL A 120 -0.85 18.49 14.95
N ASN A 121 -0.45 17.22 14.96
CA ASN A 121 -1.02 16.25 15.89
C ASN A 121 -2.53 16.23 15.81
N LEU A 122 -3.06 16.29 14.59
CA LEU A 122 -4.49 16.22 14.41
C LEU A 122 -4.87 14.77 14.64
N ARG A 123 -6.04 14.54 15.23
CA ARG A 123 -6.46 13.19 15.50
C ARG A 123 -6.92 12.49 14.25
N TYR A 124 -7.22 11.20 14.36
CA TYR A 124 -7.69 10.42 13.21
C TYR A 124 -6.78 10.58 12.01
N LYS A 125 -5.48 10.57 12.22
CA LYS A 125 -4.53 10.77 11.13
C LYS A 125 -4.76 9.80 10.00
N LEU A 126 -4.77 8.51 10.33
CA LEU A 126 -4.93 7.48 9.31
C LEU A 126 -6.31 7.56 8.69
N VAL A 127 -7.34 7.76 9.49
CA VAL A 127 -8.69 7.91 8.95
C VAL A 127 -8.69 8.96 7.86
N PHE A 128 -8.29 10.18 8.18
CA PHE A 128 -8.26 11.26 7.20
C PHE A 128 -7.48 10.89 5.96
N SER A 129 -6.28 10.35 6.14
CA SER A 129 -5.43 10.02 5.00
C SER A 129 -6.04 8.98 4.08
N SER A 130 -6.74 8.01 4.64
CA SER A 130 -7.35 6.96 3.83
C SER A 130 -8.61 7.48 3.16
N SER A 131 -9.30 8.38 3.84
CA SER A 131 -10.48 8.97 3.26
C SER A 131 -10.06 9.72 2.01
N ILE A 132 -8.98 10.49 2.11
CA ILE A 132 -8.54 11.28 0.97
C ILE A 132 -8.08 10.37 -0.16
N ALA A 133 -7.41 9.27 0.16
CA ALA A 133 -7.02 8.33 -0.88
C ALA A 133 -8.23 7.79 -1.60
N CYS A 134 -9.28 7.46 -0.86
CA CYS A 134 -10.51 6.95 -1.47
C CYS A 134 -11.25 8.00 -2.29
N LEU A 135 -11.21 9.25 -1.86
CA LEU A 135 -11.89 10.32 -2.59
C LEU A 135 -11.10 10.71 -3.81
N LEU A 136 -9.82 10.40 -3.82
CA LEU A 136 -9.01 10.69 -5.00
C LEU A 136 -8.92 9.47 -5.88
N ALA A 137 -9.69 8.44 -5.56
CA ALA A 137 -9.75 7.28 -6.43
C ALA A 137 -11.05 7.52 -7.17
N ILE A 138 -11.99 8.18 -6.51
CA ILE A 138 -13.24 8.54 -7.16
C ILE A 138 -12.93 9.62 -8.17
N ALA A 139 -11.93 10.44 -7.87
CA ALA A 139 -11.53 11.50 -8.78
C ALA A 139 -11.03 10.93 -10.09
N VAL A 140 -10.18 9.91 -10.04
CA VAL A 140 -9.71 9.26 -11.25
C VAL A 140 -10.90 8.74 -12.02
N SER A 141 -11.83 8.08 -11.33
CA SER A 141 -13.01 7.54 -11.98
C SER A 141 -13.81 8.61 -12.72
N THR A 142 -13.98 9.78 -12.11
CA THR A 142 -14.78 10.81 -12.74
C THR A 142 -14.18 11.32 -14.04
N PHE A 143 -12.96 10.90 -14.35
CA PHE A 143 -12.28 11.31 -15.59
C PHE A 143 -12.40 10.24 -16.62
N ILE A 144 -12.52 9.00 -16.17
CA ILE A 144 -12.65 7.88 -17.08
C ILE A 144 -14.10 7.50 -17.36
N VAL A 145 -14.90 7.36 -16.31
CA VAL A 145 -16.30 6.96 -16.45
C VAL A 145 -17.08 7.90 -17.37
N ASP A 146 -17.99 7.34 -18.17
CA ASP A 146 -18.74 8.14 -19.13
C ASP A 146 -19.69 9.15 -18.53
N ALA A 147 -20.36 9.93 -19.38
CA ALA A 147 -21.20 11.01 -18.88
C ALA A 147 -22.13 10.84 -17.68
N PRO A 148 -23.33 10.26 -17.87
CA PRO A 148 -24.25 10.24 -16.71
C PRO A 148 -23.64 9.76 -15.41
N TYR A 149 -22.82 8.73 -15.45
CA TYR A 149 -22.27 8.15 -14.23
C TYR A 149 -21.07 8.86 -13.64
N ARG A 150 -20.44 9.73 -14.40
CA ARG A 150 -19.32 10.51 -13.89
C ARG A 150 -19.86 11.55 -12.92
N TYR A 151 -21.10 11.97 -13.10
CA TYR A 151 -21.68 12.98 -12.24
C TYR A 151 -22.21 12.35 -10.99
N TYR A 152 -22.57 11.08 -11.08
CA TYR A 152 -23.04 10.37 -9.90
C TYR A 152 -21.83 10.11 -9.03
N MET A 153 -20.74 9.70 -9.65
CA MET A 153 -19.52 9.48 -8.90
C MET A 153 -18.99 10.78 -8.33
N TYR A 154 -19.07 11.86 -9.10
CA TYR A 154 -18.64 13.16 -8.62
C TYR A 154 -19.41 13.52 -7.38
N GLY A 155 -20.72 13.28 -7.39
CA GLY A 155 -21.53 13.56 -6.22
C GLY A 155 -21.02 12.85 -4.97
N ILE A 156 -20.77 11.56 -5.06
CA ILE A 156 -20.23 10.81 -3.94
C ILE A 156 -18.90 11.38 -3.49
N GLY A 157 -17.99 11.60 -4.42
CA GLY A 157 -16.69 12.17 -4.08
C GLY A 157 -16.80 13.51 -3.41
N LEU A 158 -17.64 14.40 -3.94
CA LEU A 158 -17.80 15.72 -3.37
C LEU A 158 -18.44 15.67 -2.00
N ALA A 159 -19.40 14.78 -1.80
CA ALA A 159 -20.01 14.64 -0.48
C ALA A 159 -18.95 14.27 0.52
N GLY A 160 -18.17 13.24 0.23
CA GLY A 160 -17.09 12.85 1.12
C GLY A 160 -16.02 13.91 1.30
N PHE A 161 -15.73 14.67 0.26
CA PHE A 161 -14.74 15.74 0.33
C PHE A 161 -15.21 16.82 1.30
N ILE A 162 -16.49 17.17 1.20
CA ILE A 162 -17.05 18.18 2.09
C ILE A 162 -17.07 17.64 3.52
N CYS A 163 -17.44 16.38 3.69
CA CYS A 163 -17.46 15.77 5.02
C CYS A 163 -16.07 15.73 5.63
N ALA A 164 -15.08 15.29 4.87
CA ALA A 164 -13.71 15.22 5.38
C ALA A 164 -13.15 16.60 5.61
N GLY A 165 -13.55 17.56 4.77
CA GLY A 165 -13.08 18.90 4.94
C GLY A 165 -13.63 19.49 6.22
N TYR A 166 -14.91 19.27 6.49
CA TYR A 166 -15.51 19.77 7.71
C TYR A 166 -14.81 19.15 8.91
N ALA A 167 -14.65 17.83 8.90
CA ALA A 167 -13.99 17.16 9.99
C ALA A 167 -12.57 17.67 10.19
N LEU A 168 -11.85 17.91 9.11
CA LEU A 168 -10.49 18.44 9.21
C LEU A 168 -10.51 19.82 9.82
N TRP A 169 -11.36 20.70 9.31
CA TRP A 169 -11.48 22.04 9.86
C TRP A 169 -11.66 21.97 11.35
N ASN A 170 -12.61 21.16 11.79
CA ASN A 170 -12.86 21.00 13.22
C ASN A 170 -11.60 20.58 13.96
N GLU A 171 -10.89 19.59 13.45
CA GLU A 171 -9.67 19.13 14.09
C GLU A 171 -8.61 20.23 14.26
N ILE A 172 -8.34 20.98 13.20
CA ILE A 172 -7.35 22.04 13.28
C ILE A 172 -7.78 23.11 14.26
N ASN A 173 -9.08 23.42 14.27
CA ASN A 173 -9.59 24.44 15.19
C ASN A 173 -9.66 23.91 16.61
N ALA A 174 -9.61 22.59 16.80
CA ALA A 174 -9.61 22.00 18.13
C ALA A 174 -8.19 21.74 18.57
N GLN A 175 -7.22 22.24 17.81
CA GLN A 175 -5.83 22.07 18.17
C GLN A 175 -5.23 23.45 18.20
N ARG A 176 -6.03 24.45 17.85
CA ARG A 176 -5.55 25.82 17.81
C ARG A 176 -5.05 26.27 19.17
N GLU A 177 -5.77 25.92 20.22
CA GLU A 177 -5.37 26.29 21.57
C GLU A 177 -3.96 25.84 21.90
N LYS A 178 -3.62 24.62 21.50
CA LYS A 178 -2.27 24.12 21.75
C LYS A 178 -1.23 24.82 20.90
N ILE A 179 -1.50 24.97 19.60
CA ILE A 179 -0.55 25.60 18.67
C ILE A 179 -0.22 27.02 19.09
N PRO A 180 1.08 27.31 19.30
CA PRO A 180 1.50 28.67 19.67
C PRO A 180 1.18 29.68 18.58
N ASP A 181 1.02 30.94 18.96
CA ASP A 181 0.66 31.96 17.99
C ASP A 181 1.73 32.20 16.93
N SER A 182 2.98 32.01 17.29
CA SER A 182 4.07 32.18 16.34
C SER A 182 4.00 31.11 15.28
N ALA A 183 3.62 29.90 15.66
CA ALA A 183 3.53 28.79 14.72
C ALA A 183 2.22 28.79 13.97
N TRP A 184 1.23 29.53 14.47
CA TRP A 184 -0.08 29.55 13.82
C TRP A 184 -0.05 30.24 12.47
N TRP A 185 0.83 31.21 12.27
CA TRP A 185 0.93 31.85 10.97
C TRP A 185 1.13 30.82 9.87
N TYR A 186 2.10 29.95 10.04
CA TYR A 186 2.40 28.95 9.04
C TYR A 186 1.29 27.93 8.93
N LEU A 187 0.62 27.65 10.04
CA LEU A 187 -0.47 26.70 10.03
C LEU A 187 -1.65 27.25 9.25
N SER A 188 -2.01 28.49 9.52
CA SER A 188 -3.15 29.10 8.86
C SER A 188 -2.88 29.26 7.37
N ALA A 189 -1.61 29.42 7.00
CA ALA A 189 -1.25 29.53 5.60
C ALA A 189 -1.34 28.18 4.92
N GLY A 190 -0.94 27.12 5.61
CA GLY A 190 -1.08 25.78 5.05
C GLY A 190 -2.53 25.35 5.05
N ARG A 191 -3.33 25.91 5.95
CA ARG A 191 -4.75 25.61 5.99
C ARG A 191 -5.44 26.32 4.86
N LEU A 192 -4.99 27.56 4.64
CA LEU A 192 -5.58 28.37 3.59
C LEU A 192 -5.24 27.55 2.42
N ILE A 193 -4.00 27.26 2.09
CA ILE A 193 -3.72 26.35 0.96
C ILE A 193 -4.63 25.09 0.91
N PHE A 194 -4.98 24.53 2.07
CA PHE A 194 -5.84 23.33 2.14
C PHE A 194 -7.32 23.55 1.83
N PHE A 195 -7.90 24.66 2.26
CA PHE A 195 -9.35 24.86 2.10
C PHE A 195 -9.71 25.64 0.85
N ALA A 196 -8.88 26.57 0.43
CA ALA A 196 -9.04 27.21 -0.87
C ALA A 196 -8.43 26.37 -1.98
N GLY A 197 -7.12 26.20 -1.95
CA GLY A 197 -6.43 25.42 -2.97
C GLY A 197 -7.02 24.08 -3.32
N TRP A 198 -7.44 23.30 -2.33
CA TRP A 198 -8.10 22.03 -2.65
C TRP A 198 -9.45 22.24 -3.36
N PRO A 199 -10.43 22.91 -2.71
CA PRO A 199 -11.61 23.13 -3.56
C PRO A 199 -11.40 23.57 -5.01
N PHE A 200 -10.32 24.24 -5.36
CA PHE A 200 -9.98 24.59 -6.74
C PHE A 200 -9.86 23.36 -7.58
N PHE A 201 -9.11 22.37 -7.11
CA PHE A 201 -9.03 21.11 -7.83
C PHE A 201 -10.47 20.65 -8.11
N PRO A 202 -11.30 20.35 -7.05
CA PRO A 202 -12.69 20.03 -7.45
C PRO A 202 -13.57 20.93 -8.36
N LEU A 203 -13.36 22.24 -8.40
CA LEU A 203 -14.14 23.14 -9.24
C LEU A 203 -13.62 23.19 -10.67
N LEU A 204 -12.31 23.05 -10.85
CA LEU A 204 -11.75 23.02 -12.19
C LEU A 204 -12.32 21.82 -12.93
N TRP A 205 -12.81 20.84 -12.20
CA TRP A 205 -13.42 19.65 -12.81
C TRP A 205 -14.63 20.08 -13.60
N THR A 206 -15.43 20.96 -13.03
CA THR A 206 -16.65 21.41 -13.69
C THR A 206 -16.42 22.13 -15.01
N LEU A 207 -15.23 22.67 -15.23
CA LEU A 207 -14.90 23.35 -16.48
C LEU A 207 -13.87 22.60 -17.30
N SER A 208 -13.65 21.34 -16.97
CA SER A 208 -12.62 20.58 -17.66
C SER A 208 -12.96 20.13 -19.04
N PHE A 209 -11.99 19.60 -19.75
CA PHE A 209 -12.19 19.09 -21.11
C PHE A 209 -13.27 18.03 -21.23
N HIS A 210 -13.39 17.16 -20.23
CA HIS A 210 -14.34 16.07 -20.32
C HIS A 210 -15.71 16.44 -19.80
N THR A 211 -15.77 17.41 -18.88
CA THR A 211 -17.05 17.85 -18.37
C THR A 211 -17.64 18.91 -19.26
N SER A 212 -17.22 20.16 -19.09
CA SER A 212 -17.70 21.21 -19.96
C SER A 212 -16.87 21.26 -21.22
N GLY A 213 -15.73 21.94 -21.15
CA GLY A 213 -14.86 22.02 -22.30
C GLY A 213 -14.20 23.36 -22.36
N VAL A 214 -14.28 24.10 -21.26
CA VAL A 214 -13.66 25.41 -21.21
C VAL A 214 -12.15 25.26 -21.26
N ILE A 215 -11.61 24.42 -20.39
CA ILE A 215 -10.17 24.19 -20.37
C ILE A 215 -9.82 22.90 -21.08
N ASN A 216 -9.10 23.00 -22.20
CA ASN A 216 -8.65 21.80 -22.92
C ASN A 216 -7.62 21.03 -22.13
N GLU A 217 -7.40 19.76 -22.47
CA GLU A 217 -6.48 18.94 -21.68
C GLU A 217 -5.08 19.52 -21.58
N GLU A 218 -4.57 20.13 -22.62
CA GLU A 218 -3.25 20.76 -22.52
C GLU A 218 -3.22 21.77 -21.40
N TRP A 219 -4.14 22.72 -21.44
CA TRP A 219 -4.14 23.76 -20.43
C TRP A 219 -4.59 23.26 -19.07
N TYR A 220 -5.40 22.23 -19.02
CA TYR A 220 -5.79 21.65 -17.74
C TYR A 220 -4.53 21.09 -17.11
N PHE A 221 -3.72 20.42 -17.90
CA PHE A 221 -2.46 19.86 -17.42
C PHE A 221 -1.55 20.99 -16.95
N ILE A 222 -1.49 22.07 -17.71
CA ILE A 222 -0.65 23.19 -17.34
C ILE A 222 -1.08 23.77 -15.99
N LEU A 223 -2.38 23.87 -15.76
CA LEU A 223 -2.89 24.43 -14.51
C LEU A 223 -2.68 23.51 -13.33
N HIS A 224 -2.77 22.20 -13.56
CA HIS A 224 -2.55 21.25 -12.48
C HIS A 224 -1.10 21.22 -12.06
N ALA A 225 -0.21 21.71 -12.91
CA ALA A 225 1.20 21.82 -12.53
C ALA A 225 1.39 22.93 -11.52
N ILE A 226 0.76 24.08 -11.78
CA ILE A 226 0.84 25.19 -10.84
C ILE A 226 0.17 24.82 -9.54
N LEU A 227 -0.89 24.03 -9.64
CA LEU A 227 -1.63 23.68 -8.43
C LEU A 227 -0.78 22.76 -7.59
N ASP A 228 0.05 21.94 -8.25
CA ASP A 228 0.95 21.06 -7.53
C ASP A 228 2.08 21.82 -6.90
N ILE A 229 2.55 22.86 -7.55
CA ILE A 229 3.57 23.69 -6.92
C ILE A 229 2.97 24.23 -5.63
N LEU A 230 1.74 24.72 -5.70
CA LEU A 230 1.08 25.27 -4.51
C LEU A 230 0.73 24.24 -3.45
N CYS A 231 0.23 23.09 -3.86
CA CYS A 231 0.03 22.03 -2.89
C CYS A 231 1.44 21.53 -2.65
N LYS A 232 1.68 20.24 -2.70
CA LYS A 232 3.05 19.72 -2.58
C LYS A 232 4.11 20.75 -2.15
N ALA A 233 4.85 21.33 -3.11
CA ALA A 233 5.94 22.28 -2.79
C ALA A 233 5.64 23.41 -1.80
N VAL A 234 4.78 24.34 -2.16
CA VAL A 234 4.49 25.47 -1.28
C VAL A 234 3.72 25.04 -0.02
N PHE A 235 3.02 23.91 -0.06
CA PHE A 235 2.37 23.51 1.18
C PHE A 235 3.44 23.07 2.15
N GLY A 236 4.42 22.34 1.64
CA GLY A 236 5.49 21.87 2.48
C GLY A 236 6.38 22.99 2.95
N PHE A 237 6.51 24.07 2.19
CA PHE A 237 7.35 25.12 2.73
C PHE A 237 6.70 25.80 3.91
N PHE A 238 5.38 25.91 3.89
CA PHE A 238 4.68 26.47 5.05
C PHE A 238 4.69 25.48 6.21
N MET A 239 4.58 24.20 5.91
CA MET A 239 4.60 23.18 6.95
C MET A 239 6.00 23.02 7.48
N LEU A 240 7.00 23.18 6.63
CA LEU A 240 8.37 23.16 7.10
C LEU A 240 8.55 24.33 8.03
N GLY A 241 8.07 25.49 7.62
CA GLY A 241 8.15 26.66 8.48
C GLY A 241 7.51 26.39 9.82
N PHE A 242 6.32 25.82 9.84
CA PHE A 242 5.61 25.53 11.08
C PHE A 242 6.47 24.63 11.96
N ARG A 243 6.97 23.55 11.40
CA ARG A 243 7.82 22.61 12.13
C ARG A 243 9.01 23.30 12.73
N LEU A 244 9.67 24.13 11.95
CA LEU A 244 10.88 24.80 12.42
C LEU A 244 10.54 25.76 13.54
N GLU A 245 9.43 26.47 13.42
CA GLU A 245 9.00 27.37 14.48
C GLU A 245 8.79 26.58 15.75
N LEU A 246 8.07 25.48 15.65
CA LEU A 246 7.81 24.66 16.82
C LEU A 246 9.11 24.20 17.43
N GLU A 247 10.06 23.77 16.61
CA GLU A 247 11.31 23.24 17.11
C GLU A 247 12.19 24.31 17.73
N GLU A 248 12.09 25.52 17.23
CA GLU A 248 12.85 26.59 17.84
C GLU A 248 12.24 26.96 19.18
N LEU A 249 10.91 26.99 19.26
CA LEU A 249 10.24 27.27 20.52
C LEU A 249 10.49 26.15 21.52
N ASP A 250 10.61 24.92 21.03
CA ASP A 250 10.89 23.80 21.91
C ASP A 250 12.29 23.92 22.45
N PHE A 251 13.24 24.26 21.59
CA PHE A 251 14.61 24.47 22.03
C PHE A 251 14.63 25.53 23.10
N LYS A 252 13.91 26.62 22.88
CA LYS A 252 13.86 27.69 23.87
C LYS A 252 13.28 27.20 25.18
N ALA A 253 12.19 26.46 25.12
CA ALA A 253 11.57 25.94 26.33
C ALA A 253 12.49 25.00 27.09
N ILE A 254 13.15 24.10 26.36
CA ILE A 254 14.09 23.19 27.00
C ILE A 254 15.19 23.97 27.69
N GLU A 255 15.75 24.95 27.00
CA GLU A 255 16.84 25.73 27.57
C GLU A 255 16.39 26.50 28.81
N ALA A 256 15.15 26.99 28.82
CA ALA A 256 14.63 27.70 29.98
C ALA A 256 14.39 26.73 31.12
N GLU A 257 13.84 25.57 30.82
CA GLU A 257 13.61 24.55 31.84
C GLU A 257 14.94 24.16 32.45
N GLN A 258 15.97 24.03 31.62
CA GLN A 258 17.28 23.66 32.12
C GLN A 258 17.90 24.75 32.97
N ALA A 259 17.64 26.01 32.63
CA ALA A 259 18.14 27.11 33.47
C ALA A 259 17.50 27.02 34.85
N LYS A 260 16.21 26.73 34.88
CA LYS A 260 15.52 26.60 36.16
C LYS A 260 15.95 25.35 36.89
N LEU A 261 16.39 24.33 36.15
CA LEU A 261 16.86 23.10 36.78
C LEU A 261 18.18 23.36 37.47
N GLU A 262 19.02 24.19 36.86
CA GLU A 262 20.30 24.51 37.47
C GLU A 262 20.10 25.48 38.62
N GLY A 263 19.05 26.30 38.54
CA GLY A 263 18.76 27.24 39.60
C GLY A 263 17.69 26.74 40.55
N SER B 2 7.69 -6.95 -34.68
CA SER B 2 6.32 -7.08 -34.23
C SER B 2 6.18 -6.61 -32.80
N GLU B 3 5.08 -6.95 -32.15
CA GLU B 3 4.91 -6.58 -30.74
C GLU B 3 6.01 -7.26 -29.95
N CYS B 4 6.28 -8.52 -30.28
CA CYS B 4 7.36 -9.22 -29.61
C CYS B 4 8.68 -8.92 -30.29
N CYS B 5 9.65 -8.46 -29.51
CA CYS B 5 10.96 -8.15 -30.08
C CYS B 5 11.67 -9.45 -30.41
N GLU B 6 12.63 -9.39 -31.33
CA GLU B 6 13.34 -10.60 -31.76
C GLU B 6 13.79 -11.48 -30.60
N LEU B 7 14.33 -10.86 -29.56
CA LEU B 7 14.84 -11.64 -28.43
C LEU B 7 13.87 -11.70 -27.27
N CYS B 8 12.66 -12.18 -27.53
CA CYS B 8 11.65 -12.27 -26.48
C CYS B 8 11.11 -13.68 -26.33
N VAL B 9 10.41 -13.94 -25.23
CA VAL B 9 9.87 -15.27 -24.98
C VAL B 9 8.59 -15.47 -25.77
N CYS B 10 8.12 -14.40 -26.40
CA CYS B 10 6.89 -14.48 -27.16
C CYS B 10 7.18 -14.96 -28.57
N GLN B 11 8.46 -15.08 -28.90
CA GLN B 11 8.84 -15.56 -30.22
C GLN B 11 9.18 -17.03 -30.14
N LYS B 12 9.19 -17.58 -28.93
CA LYS B 12 9.50 -18.99 -28.75
C LYS B 12 8.26 -19.83 -29.00
N GLU B 13 8.42 -20.98 -29.65
CA GLU B 13 7.29 -21.82 -30.00
C GLU B 13 6.80 -22.66 -28.82
N PRO B 14 5.52 -23.07 -28.84
CA PRO B 14 5.01 -23.94 -27.80
C PRO B 14 5.81 -25.22 -27.69
N GLY B 15 6.25 -25.57 -26.49
CA GLY B 15 7.01 -26.79 -26.30
C GLY B 15 8.47 -26.53 -26.01
N THR B 16 8.89 -25.28 -26.16
CA THR B 16 10.28 -24.93 -25.93
C THR B 16 10.47 -24.13 -24.65
N PHE B 17 9.55 -24.27 -23.71
CA PHE B 17 9.64 -23.49 -22.49
C PHE B 17 10.02 -24.33 -21.28
N GLY B 18 10.31 -25.61 -21.48
CA GLY B 18 10.65 -26.49 -20.38
C GLY B 18 11.72 -25.95 -19.45
N ALA B 19 12.77 -25.37 -20.01
CA ALA B 19 13.84 -24.80 -19.20
C ALA B 19 13.30 -23.74 -18.24
N LEU B 20 12.50 -22.83 -18.76
CA LEU B 20 11.95 -21.77 -17.94
C LEU B 20 11.06 -22.31 -16.82
N ILE B 21 10.18 -23.25 -17.13
CA ILE B 21 9.35 -23.84 -16.10
C ILE B 21 10.22 -24.48 -15.04
N ALA B 22 11.20 -25.28 -15.46
CA ALA B 22 12.10 -25.94 -14.52
C ALA B 22 12.81 -24.97 -13.60
N VAL B 23 13.49 -23.98 -14.17
CA VAL B 23 14.18 -22.98 -13.38
C VAL B 23 13.23 -22.33 -12.39
N ASN B 24 12.07 -21.90 -12.85
CA ASN B 24 11.14 -21.20 -11.98
C ASN B 24 10.52 -22.08 -10.91
N THR B 25 10.32 -23.37 -11.18
CA THR B 25 9.80 -24.26 -10.15
C THR B 25 10.88 -24.51 -9.13
N ILE B 26 12.11 -24.74 -9.59
CA ILE B 26 13.22 -24.98 -8.67
C ILE B 26 13.41 -23.79 -7.75
N THR B 27 13.40 -22.58 -8.30
CA THR B 27 13.56 -21.40 -7.49
C THR B 27 12.39 -21.20 -6.56
N ALA B 28 11.19 -21.55 -7.00
CA ALA B 28 10.03 -21.46 -6.12
C ALA B 28 10.26 -22.34 -4.92
N ILE B 29 10.61 -23.60 -5.16
CA ILE B 29 10.89 -24.52 -4.07
C ILE B 29 11.97 -23.95 -3.16
N ILE B 30 13.11 -23.57 -3.72
CA ILE B 30 14.20 -23.02 -2.92
C ILE B 30 13.74 -21.87 -2.06
N LEU B 31 13.12 -20.85 -2.67
CA LEU B 31 12.70 -19.68 -1.91
C LEU B 31 11.68 -20.01 -0.84
N VAL B 32 10.68 -20.82 -1.17
CA VAL B 32 9.67 -21.22 -0.19
C VAL B 32 10.30 -22.02 0.94
N ALA B 33 11.14 -23.00 0.62
CA ALA B 33 11.78 -23.83 1.64
C ALA B 33 12.77 -23.05 2.49
N ALA B 34 13.48 -22.09 1.90
CA ALA B 34 14.39 -21.27 2.66
C ALA B 34 13.58 -20.43 3.62
N GLY B 35 12.50 -19.85 3.12
CA GLY B 35 11.64 -19.04 3.96
C GLY B 35 10.97 -19.87 5.03
N ALA B 36 10.68 -21.13 4.75
CA ALA B 36 10.07 -22.01 5.74
C ALA B 36 11.07 -22.39 6.80
N TYR B 37 12.34 -22.57 6.44
CA TYR B 37 13.34 -22.84 7.46
C TYR B 37 13.49 -21.62 8.31
N MET B 38 13.55 -20.44 7.68
CA MET B 38 13.66 -19.20 8.42
C MET B 38 12.47 -19.05 9.35
N ALA B 39 11.28 -19.40 8.87
CA ALA B 39 10.08 -19.30 9.69
C ALA B 39 10.14 -20.25 10.85
N TRP B 40 10.55 -21.48 10.60
CA TRP B 40 10.71 -22.43 11.69
C TRP B 40 11.72 -21.90 12.70
N LYS B 41 12.89 -21.47 12.23
CA LYS B 41 13.92 -20.98 13.15
C LYS B 41 13.43 -19.83 14.00
N THR B 42 12.68 -18.89 13.41
CA THR B 42 12.20 -17.75 14.17
C THR B 42 11.15 -18.19 15.19
N ALA B 43 10.27 -19.09 14.80
CA ALA B 43 9.23 -19.57 15.71
C ALA B 43 9.82 -20.43 16.81
N ALA B 44 10.62 -21.42 16.44
CA ALA B 44 11.18 -22.35 17.42
C ALA B 44 11.86 -21.68 18.60
N GLY B 45 12.70 -20.70 18.34
CA GLY B 45 13.42 -20.09 19.42
C GLY B 45 14.06 -18.76 19.19
N LEU B 46 14.77 -18.28 20.21
CA LEU B 46 15.40 -16.98 20.11
C LEU B 46 16.73 -17.05 19.40
N GLY B 47 17.74 -17.63 20.03
CA GLY B 47 19.05 -17.62 19.42
C GLY B 47 19.42 -18.83 18.61
N TRP B 48 20.71 -19.15 18.58
CA TRP B 48 21.18 -20.28 17.82
C TRP B 48 20.74 -21.57 18.48
N ASN B 49 20.68 -21.58 19.80
CA ASN B 49 20.26 -22.76 20.53
C ASN B 49 18.78 -22.73 20.83
N THR B 50 17.97 -22.23 19.90
CA THR B 50 16.51 -22.15 20.06
C THR B 50 15.98 -21.97 21.48
N ARG B 51 16.31 -20.85 22.10
CA ARG B 51 15.86 -20.60 23.47
C ARG B 51 14.39 -20.28 23.44
N PRO B 52 13.59 -20.92 24.31
CA PRO B 52 12.14 -20.71 24.34
C PRO B 52 11.80 -19.23 24.24
N HIS B 53 10.93 -18.86 23.30
CA HIS B 53 10.61 -17.45 23.09
C HIS B 53 9.99 -16.75 24.29
N GLY B 54 8.68 -16.86 24.42
CA GLY B 54 8.00 -16.18 25.51
C GLY B 54 6.52 -16.00 25.25
N PRO B 55 5.83 -15.27 26.13
CA PRO B 55 4.38 -15.06 25.98
C PRO B 55 4.05 -14.35 24.69
N GLU B 56 4.73 -13.26 24.40
CA GLU B 56 4.47 -12.49 23.19
C GLU B 56 4.90 -13.24 21.94
N GLY B 57 5.88 -14.12 22.07
CA GLY B 57 6.34 -14.89 20.93
C GLY B 57 7.30 -14.12 20.06
N PRO B 58 7.58 -14.63 18.85
CA PRO B 58 8.51 -13.95 17.94
C PRO B 58 7.97 -12.60 17.52
N PRO B 59 8.85 -11.58 17.48
CA PRO B 59 8.41 -10.25 17.03
C PRO B 59 7.82 -10.30 15.64
N GLU B 60 6.95 -9.36 15.31
CA GLU B 60 6.30 -9.37 14.00
C GLU B 60 7.27 -9.12 12.86
N GLU B 61 8.40 -8.50 13.17
CA GLU B 61 9.40 -8.22 12.16
C GLU B 61 10.26 -9.45 11.91
N ASN B 62 10.23 -10.41 12.82
CA ASN B 62 10.98 -11.64 12.61
C ASN B 62 10.31 -12.42 11.49
N TRP B 63 9.11 -12.03 11.10
CA TRP B 63 8.40 -12.66 9.98
C TRP B 63 8.55 -11.95 8.66
N LEU B 64 9.06 -10.72 8.66
CA LEU B 64 9.30 -10.01 7.42
C LEU B 64 10.26 -10.82 6.58
N SER B 65 11.39 -11.27 7.13
CA SER B 65 12.40 -12.03 6.35
C SER B 65 11.87 -13.38 5.77
N PRO B 66 11.40 -14.36 6.62
CA PRO B 66 10.81 -15.55 5.98
C PRO B 66 9.73 -15.14 5.03
N GLY B 67 8.92 -14.17 5.43
CA GLY B 67 7.83 -13.70 4.59
C GLY B 67 8.23 -13.45 3.17
N ILE B 68 9.19 -12.57 2.93
CA ILE B 68 9.60 -12.24 1.57
C ILE B 68 10.01 -13.48 0.79
N SER B 69 10.88 -14.30 1.36
CA SER B 69 11.32 -15.51 0.68
C SER B 69 10.15 -16.40 0.29
N ILE B 70 9.20 -16.61 1.19
CA ILE B 70 8.04 -17.45 0.86
C ILE B 70 7.19 -16.81 -0.22
N LEU B 71 6.93 -15.52 -0.12
CA LEU B 71 6.11 -14.82 -1.10
C LEU B 71 6.77 -14.81 -2.46
N CYS B 72 8.10 -14.65 -2.49
CA CYS B 72 8.80 -14.69 -3.75
C CYS B 72 8.75 -16.09 -4.34
N GLY B 73 8.65 -17.09 -3.48
CA GLY B 73 8.55 -18.45 -3.95
C GLY B 73 7.16 -18.68 -4.50
N VAL B 74 6.15 -18.09 -3.88
CA VAL B 74 4.79 -18.20 -4.40
C VAL B 74 4.73 -17.46 -5.73
N MET B 75 5.39 -16.32 -5.80
CA MET B 75 5.43 -15.58 -7.05
C MET B 75 6.08 -16.43 -8.11
N TYR B 76 7.15 -17.14 -7.77
CA TYR B 76 7.85 -17.91 -8.78
C TYR B 76 7.07 -19.13 -9.17
N ALA B 77 6.25 -19.65 -8.28
CA ALA B 77 5.39 -20.78 -8.62
C ALA B 77 4.35 -20.28 -9.60
N PHE B 78 3.84 -19.08 -9.37
CA PHE B 78 2.88 -18.51 -10.30
C PHE B 78 3.53 -18.26 -11.64
N LYS B 79 4.82 -17.93 -11.62
CA LYS B 79 5.54 -17.67 -12.86
C LYS B 79 5.74 -18.96 -13.62
N ALA B 80 5.97 -20.05 -12.90
CA ALA B 80 6.18 -21.33 -13.53
C ALA B 80 4.87 -21.86 -14.06
N ILE B 81 3.78 -21.53 -13.37
CA ILE B 81 2.48 -21.96 -13.90
C ILE B 81 2.27 -21.19 -15.18
N ASP B 82 2.61 -19.91 -15.17
CA ASP B 82 2.48 -19.08 -16.36
C ASP B 82 3.31 -19.63 -17.48
N TRP B 83 4.56 -20.01 -17.19
CA TRP B 83 5.48 -20.54 -18.21
C TRP B 83 5.02 -21.87 -18.77
N ALA B 84 4.22 -22.59 -18.01
CA ALA B 84 3.67 -23.86 -18.48
C ALA B 84 2.56 -23.61 -19.48
N SER B 85 1.88 -22.48 -19.35
CA SER B 85 0.84 -22.13 -20.31
C SER B 85 1.50 -21.71 -21.59
N TYR B 86 2.68 -21.15 -21.50
CA TYR B 86 3.42 -20.74 -22.67
C TYR B 86 3.96 -21.98 -23.36
N ASN B 87 4.20 -23.04 -22.59
CA ASN B 87 4.71 -24.28 -23.17
C ASN B 87 3.60 -24.99 -23.91
N ASP B 88 2.37 -24.82 -23.45
CA ASP B 88 1.25 -25.50 -24.08
C ASP B 88 0.51 -24.60 -25.05
N THR B 89 -0.24 -23.63 -24.52
CA THR B 89 -1.01 -22.74 -25.37
C THR B 89 -0.11 -21.84 -26.22
N GLY B 90 1.07 -21.52 -25.71
CA GLY B 90 1.99 -20.67 -26.44
C GLY B 90 1.68 -19.20 -26.28
N GLU B 91 0.86 -18.84 -25.30
CA GLU B 91 0.46 -17.45 -25.15
C GLU B 91 0.21 -16.96 -23.74
N SER B 92 0.93 -17.48 -22.75
CA SER B 92 0.81 -17.00 -21.35
C SER B 92 -0.54 -17.11 -20.66
N THR B 93 -0.61 -16.64 -19.42
CA THR B 93 -1.86 -16.66 -18.68
C THR B 93 -2.40 -15.25 -18.63
N ALA B 94 -3.57 -15.08 -18.04
CA ALA B 94 -4.15 -13.74 -17.91
C ALA B 94 -3.43 -13.05 -16.78
N PHE B 95 -3.18 -13.77 -15.70
CA PHE B 95 -2.44 -13.21 -14.58
C PHE B 95 -1.00 -13.68 -14.67
N SER B 96 -0.21 -12.96 -15.46
CA SER B 96 1.18 -13.36 -15.66
C SER B 96 2.10 -12.43 -14.90
N LEU B 97 2.93 -13.00 -14.05
CA LEU B 97 3.88 -12.20 -13.29
C LEU B 97 5.13 -12.03 -14.14
N ASN B 98 5.10 -12.60 -15.35
CA ASN B 98 6.24 -12.50 -16.24
C ASN B 98 6.03 -11.42 -17.29
N GLN B 99 4.83 -10.85 -17.35
CA GLN B 99 4.53 -9.79 -18.31
C GLN B 99 5.30 -8.53 -17.96
N VAL B 100 4.91 -7.87 -16.88
CA VAL B 100 5.61 -6.66 -16.45
C VAL B 100 6.91 -7.02 -15.76
N TRP B 101 8.03 -6.53 -16.28
CA TRP B 101 9.33 -6.84 -15.69
C TRP B 101 9.55 -6.00 -14.45
N TYR B 102 10.11 -6.58 -13.40
CA TYR B 102 10.41 -5.85 -12.16
C TYR B 102 9.19 -5.37 -11.42
N SER B 103 8.04 -5.98 -11.68
CA SER B 103 6.81 -5.56 -11.03
C SER B 103 6.70 -6.25 -9.71
N ASP B 104 7.29 -7.44 -9.63
CA ASP B 104 7.27 -8.19 -8.38
C ASP B 104 8.38 -7.69 -7.51
N TYR B 105 9.43 -7.15 -8.14
CA TYR B 105 10.58 -6.65 -7.39
C TYR B 105 10.16 -5.48 -6.55
N LEU B 106 9.14 -4.74 -6.96
CA LEU B 106 8.62 -3.69 -6.08
C LEU B 106 8.36 -4.21 -4.67
N ILE B 107 7.33 -5.00 -4.51
CA ILE B 107 7.06 -5.56 -3.20
C ILE B 107 8.32 -6.11 -2.55
N THR B 108 8.96 -7.08 -3.21
CA THR B 108 10.10 -7.71 -2.53
C THR B 108 11.12 -6.73 -1.97
N CYS B 109 11.51 -5.73 -2.74
CA CYS B 109 12.45 -4.70 -2.32
C CYS B 109 11.98 -3.80 -1.19
N PRO B 110 10.81 -3.13 -1.38
CA PRO B 110 10.42 -2.45 -0.15
C PRO B 110 10.36 -3.33 1.09
N LEU B 111 10.12 -4.63 0.95
CA LEU B 111 10.14 -5.43 2.16
C LEU B 111 11.55 -5.77 2.68
N LEU B 112 12.50 -6.05 1.79
CA LEU B 112 13.89 -6.33 2.17
C LEU B 112 14.67 -5.16 2.77
N VAL B 113 14.62 -3.98 2.15
CA VAL B 113 15.28 -2.81 2.72
C VAL B 113 14.69 -2.54 4.08
N LEU B 114 13.39 -2.68 4.24
CA LEU B 114 12.78 -2.52 5.55
C LEU B 114 13.37 -3.50 6.52
N ASP B 115 13.45 -4.77 6.15
CA ASP B 115 14.07 -5.78 7.00
C ASP B 115 15.44 -5.34 7.45
N PHE B 116 16.34 -5.10 6.52
CA PHE B 116 17.68 -4.67 6.86
C PHE B 116 17.61 -3.52 7.85
N CYS B 117 16.88 -2.47 7.50
CA CYS B 117 16.80 -1.32 8.38
C CYS B 117 16.23 -1.56 9.76
N ILE B 118 15.36 -2.56 9.91
CA ILE B 118 14.82 -2.88 11.22
C ILE B 118 15.82 -3.70 12.01
N THR B 119 16.34 -4.77 11.42
CA THR B 119 17.27 -5.65 12.11
C THR B 119 18.54 -4.94 12.56
N VAL B 120 19.12 -4.13 11.68
CA VAL B 120 20.36 -3.42 12.00
C VAL B 120 20.04 -2.08 12.65
N ASN B 121 18.76 -1.80 12.86
CA ASN B 121 18.35 -0.52 13.43
C ASN B 121 18.94 0.65 12.67
N LEU B 122 18.93 0.55 11.34
CA LEU B 122 19.43 1.63 10.53
C LEU B 122 18.37 2.70 10.57
N ARG B 123 18.78 3.96 10.56
CA ARG B 123 17.82 5.05 10.62
C ARG B 123 17.11 5.24 9.31
N TYR B 124 16.12 6.13 9.28
CA TYR B 124 15.37 6.40 8.06
C TYR B 124 14.87 5.13 7.40
N LYS B 125 14.36 4.20 8.20
CA LYS B 125 13.89 2.93 7.66
C LYS B 125 12.88 3.11 6.57
N LEU B 126 11.83 3.87 6.87
CA LEU B 126 10.76 4.06 5.90
C LEU B 126 11.25 4.86 4.72
N VAL B 127 12.04 5.89 4.95
CA VAL B 127 12.61 6.66 3.85
C VAL B 127 13.29 5.74 2.86
N PHE B 128 14.27 4.97 3.32
CA PHE B 128 14.99 4.04 2.45
C PHE B 128 14.04 3.10 1.72
N SER B 129 13.12 2.49 2.44
CA SER B 129 12.22 1.53 1.82
C SER B 129 11.35 2.13 0.73
N SER B 130 10.91 3.37 0.92
CA SER B 130 10.05 4.02 -0.07
C SER B 130 10.88 4.48 -1.25
N SER B 131 12.11 4.87 -0.97
CA SER B 131 13.00 5.29 -2.04
C SER B 131 13.19 4.10 -2.96
N ILE B 132 13.44 2.92 -2.38
CA ILE B 132 13.70 1.76 -3.21
C ILE B 132 12.46 1.37 -3.99
N ALA B 133 11.29 1.50 -3.39
CA ALA B 133 10.04 1.21 -4.11
C ALA B 133 9.91 2.14 -5.31
N CYS B 134 10.23 3.41 -5.13
CA CYS B 134 10.15 4.37 -6.23
C CYS B 134 11.19 4.13 -7.31
N LEU B 135 12.38 3.67 -6.92
CA LEU B 135 13.43 3.41 -7.90
C LEU B 135 13.17 2.13 -8.63
N LEU B 136 12.37 1.26 -8.04
CA LEU B 136 12.02 0.02 -8.71
C LEU B 136 10.71 0.17 -9.44
N ALA B 137 10.19 1.38 -9.50
CA ALA B 137 9.00 1.63 -10.29
C ALA B 137 9.58 2.24 -11.54
N ILE B 138 10.70 2.93 -11.40
CA ILE B 138 11.39 3.49 -12.56
C ILE B 138 11.99 2.32 -13.32
N ALA B 139 12.36 1.27 -12.60
CA ALA B 139 12.92 0.09 -13.24
C ALA B 139 11.92 -0.55 -14.17
N VAL B 140 10.67 -0.72 -13.71
CA VAL B 140 9.63 -1.27 -14.57
C VAL B 140 9.49 -0.39 -15.80
N SER B 141 9.46 0.92 -15.60
CA SER B 141 9.32 1.84 -16.71
C SER B 141 10.42 1.67 -17.75
N THR B 142 11.66 1.50 -17.31
CA THR B 142 12.77 1.38 -18.25
C THR B 142 12.66 0.15 -19.13
N PHE B 143 11.72 -0.74 -18.84
CA PHE B 143 11.51 -1.96 -19.62
C PHE B 143 10.38 -1.77 -20.59
N ILE B 144 9.45 -0.91 -20.23
CA ILE B 144 8.30 -0.64 -21.08
C ILE B 144 8.52 0.56 -21.99
N VAL B 145 8.96 1.68 -21.43
CA VAL B 145 9.16 2.91 -22.20
C VAL B 145 10.09 2.71 -23.38
N ASP B 146 9.80 3.37 -24.50
CA ASP B 146 10.60 3.20 -25.71
C ASP B 146 12.02 3.71 -25.63
N ALA B 147 12.79 3.52 -26.70
CA ALA B 147 14.22 3.87 -26.66
C ALA B 147 14.72 5.16 -26.02
N PRO B 148 14.65 6.30 -26.73
CA PRO B 148 15.29 7.49 -26.13
C PRO B 148 14.91 7.75 -24.69
N TYR B 149 13.65 7.59 -24.33
CA TYR B 149 13.19 7.93 -22.98
C TYR B 149 13.46 6.88 -21.92
N ARG B 150 13.78 5.66 -22.31
CA ARG B 150 14.13 4.63 -21.35
C ARG B 150 15.47 4.94 -20.75
N TYR B 151 16.33 5.65 -21.49
CA TYR B 151 17.65 5.97 -21.01
C TYR B 151 17.60 7.19 -20.14
N TYR B 152 16.60 8.04 -20.36
CA TYR B 152 16.44 9.21 -19.52
C TYR B 152 15.92 8.74 -18.19
N MET B 153 14.96 7.82 -18.23
CA MET B 153 14.42 7.27 -17.00
C MET B 153 15.47 6.46 -16.26
N TYR B 154 16.29 5.72 -17.01
CA TYR B 154 17.36 4.94 -16.40
C TYR B 154 18.29 5.88 -15.65
N GLY B 155 18.62 7.02 -16.26
CA GLY B 155 19.46 7.99 -15.60
C GLY B 155 18.91 8.43 -14.25
N ILE B 156 17.64 8.80 -14.20
CA ILE B 156 17.02 9.19 -12.94
C ILE B 156 17.07 8.06 -11.93
N GLY B 157 16.68 6.87 -12.35
CA GLY B 157 16.72 5.71 -11.46
C GLY B 157 18.10 5.43 -10.93
N LEU B 158 19.11 5.46 -11.79
CA LEU B 158 20.47 5.19 -11.38
C LEU B 158 21.00 6.26 -10.45
N ALA B 159 20.67 7.52 -10.71
CA ALA B 159 21.08 8.59 -9.82
C ALA B 159 20.55 8.33 -8.44
N GLY B 160 19.26 8.09 -8.32
CA GLY B 160 18.67 7.79 -7.03
C GLY B 160 19.20 6.52 -6.39
N PHE B 161 19.52 5.51 -7.19
CA PHE B 161 20.06 4.26 -6.68
C PHE B 161 21.42 4.51 -6.06
N ILE B 162 22.25 5.29 -6.74
CA ILE B 162 23.57 5.62 -6.22
C ILE B 162 23.42 6.47 -4.95
N CYS B 163 22.51 7.42 -4.96
CA CYS B 163 22.27 8.26 -3.78
C CYS B 163 21.81 7.43 -2.59
N ALA B 164 20.83 6.55 -2.81
CA ALA B 164 20.32 5.72 -1.72
C ALA B 164 21.35 4.72 -1.28
N GLY B 165 22.16 4.24 -2.21
CA GLY B 165 23.22 3.31 -1.87
C GLY B 165 24.24 3.97 -1.00
N TYR B 166 24.63 5.19 -1.34
CA TYR B 166 25.60 5.91 -0.53
C TYR B 166 25.04 6.14 0.85
N ALA B 167 23.81 6.63 0.93
CA ALA B 167 23.19 6.87 2.22
C ALA B 167 23.11 5.59 3.04
N LEU B 168 22.76 4.47 2.41
CA LEU B 168 22.69 3.21 3.12
C LEU B 168 24.05 2.81 3.63
N TRP B 169 25.07 2.86 2.78
CA TRP B 169 26.41 2.53 3.20
C TRP B 169 26.77 3.32 4.44
N ASN B 170 26.55 4.62 4.40
CA ASN B 170 26.84 5.46 5.55
C ASN B 170 26.13 4.97 6.80
N GLU B 171 24.84 4.68 6.68
CA GLU B 171 24.07 4.19 7.82
C GLU B 171 24.63 2.91 8.45
N ILE B 172 24.94 1.92 7.62
CA ILE B 172 25.48 0.67 8.13
C ILE B 172 26.83 0.90 8.79
N ASN B 173 27.65 1.77 8.20
CA ASN B 173 28.96 2.06 8.77
C ASN B 173 28.85 2.94 10.01
N ALA B 174 27.71 3.59 10.21
CA ALA B 174 27.49 4.40 11.40
C ALA B 174 26.77 3.59 12.45
N GLN B 175 26.63 2.30 12.22
CA GLN B 175 26.00 1.42 13.17
C GLN B 175 26.97 0.32 13.46
N ARG B 176 28.10 0.33 12.77
CA ARG B 176 29.11 -0.71 12.94
C ARG B 176 29.60 -0.78 14.37
N GLU B 177 29.82 0.38 14.98
CA GLU B 177 30.29 0.43 16.35
C GLU B 177 29.38 -0.33 17.30
N LYS B 178 28.08 -0.19 17.12
CA LYS B 178 27.13 -0.90 17.97
C LYS B 178 27.13 -2.39 17.68
N ILE B 179 27.08 -2.77 16.40
CA ILE B 179 27.03 -4.18 16.01
C ILE B 179 28.24 -4.95 16.51
N PRO B 180 28.00 -6.02 17.29
CA PRO B 180 29.10 -6.85 17.80
C PRO B 180 29.88 -7.51 16.67
N ASP B 181 31.15 -7.83 16.92
CA ASP B 181 31.98 -8.42 15.88
C ASP B 181 31.51 -9.79 15.43
N SER B 182 30.90 -10.55 16.34
CA SER B 182 30.37 -11.86 15.99
C SER B 182 29.22 -11.72 15.03
N ALA B 183 28.40 -10.69 15.21
CA ALA B 183 27.25 -10.49 14.34
C ALA B 183 27.62 -9.76 13.08
N TRP B 184 28.80 -9.13 13.05
CA TRP B 184 29.21 -8.38 11.88
C TRP B 184 29.50 -9.26 10.68
N TRP B 185 29.95 -10.48 10.90
CA TRP B 185 30.18 -11.39 9.78
C TRP B 185 28.94 -11.50 8.91
N TYR B 186 27.80 -11.78 9.52
CA TYR B 186 26.57 -11.94 8.78
C TYR B 186 26.10 -10.64 8.18
N LEU B 187 26.38 -9.54 8.86
CA LEU B 187 26.00 -8.24 8.36
C LEU B 187 26.80 -7.88 7.12
N SER B 188 28.11 -8.08 7.18
CA SER B 188 28.96 -7.74 6.06
C SER B 188 28.65 -8.63 4.87
N ALA B 189 28.18 -9.83 5.12
CA ALA B 189 27.80 -10.74 4.04
C ALA B 189 26.50 -10.30 3.41
N GLY B 190 25.56 -9.83 4.22
CA GLY B 190 24.31 -9.31 3.68
C GLY B 190 24.54 -7.98 3.01
N ARG B 191 25.57 -7.25 3.43
CA ARG B 191 25.89 -5.98 2.82
C ARG B 191 26.56 -6.23 1.49
N LEU B 192 27.41 -7.25 1.49
CA LEU B 192 28.12 -7.60 0.28
C LEU B 192 27.01 -7.95 -0.60
N ILE B 193 26.15 -8.92 -0.32
CA ILE B 193 24.97 -9.15 -1.18
C ILE B 193 24.23 -7.87 -1.62
N PHE B 194 24.15 -6.86 -0.75
CA PHE B 194 23.46 -5.58 -1.08
C PHE B 194 24.21 -4.66 -2.03
N PHE B 195 25.52 -4.55 -1.93
CA PHE B 195 26.26 -3.57 -2.75
C PHE B 195 26.81 -4.16 -4.03
N ALA B 196 27.19 -5.42 -4.03
CA ALA B 196 27.53 -6.12 -5.26
C ALA B 196 26.27 -6.64 -5.96
N GLY B 197 25.59 -7.58 -5.33
CA GLY B 197 24.38 -8.16 -5.90
C GLY B 197 23.37 -7.20 -6.47
N TRP B 198 23.08 -6.11 -5.77
CA TRP B 198 22.18 -5.13 -6.35
C TRP B 198 22.75 -4.45 -7.60
N PRO B 199 23.90 -3.73 -7.48
CA PRO B 199 24.39 -3.25 -8.79
C PRO B 199 24.37 -4.20 -9.99
N PHE B 200 24.42 -5.51 -9.81
CA PHE B 200 24.28 -6.50 -10.87
C PHE B 200 22.94 -6.34 -11.55
N PHE B 201 21.87 -6.27 -10.77
CA PHE B 201 20.56 -6.03 -11.37
C PHE B 201 20.70 -4.80 -12.27
N PRO B 202 21.02 -3.58 -11.71
CA PRO B 202 21.22 -2.49 -12.70
C PRO B 202 22.17 -2.59 -13.92
N LEU B 203 23.24 -3.39 -13.88
CA LEU B 203 24.16 -3.55 -15.00
C LEU B 203 23.65 -4.56 -16.02
N LEU B 204 22.96 -5.59 -15.58
CA LEU B 204 22.39 -6.54 -16.51
C LEU B 204 21.40 -5.83 -17.41
N TRP B 205 20.90 -4.68 -16.98
CA TRP B 205 19.98 -3.90 -17.79
C TRP B 205 20.67 -3.46 -19.05
N THR B 206 21.91 -3.02 -18.92
CA THR B 206 22.66 -2.54 -20.08
C THR B 206 22.89 -3.59 -21.16
N LEU B 207 22.82 -4.87 -20.80
CA LEU B 207 23.02 -5.95 -21.77
C LEU B 207 21.74 -6.73 -22.02
N SER B 208 20.60 -6.19 -21.61
CA SER B 208 19.35 -6.91 -21.74
C SER B 208 18.79 -6.97 -23.12
N PHE B 209 17.75 -7.78 -23.29
CA PHE B 209 17.08 -7.92 -24.58
C PHE B 209 16.56 -6.62 -25.17
N HIS B 210 16.08 -5.71 -24.33
CA HIS B 210 15.49 -4.48 -24.83
C HIS B 210 16.51 -3.38 -25.01
N THR B 211 17.59 -3.42 -24.23
CA THR B 211 18.62 -2.42 -24.37
C THR B 211 19.60 -2.82 -25.45
N SER B 212 20.56 -3.68 -25.12
CA SER B 212 21.49 -4.13 -26.13
C SER B 212 20.91 -5.32 -26.86
N GLY B 213 21.04 -6.50 -26.28
CA GLY B 213 20.49 -7.68 -26.90
C GLY B 213 21.40 -8.86 -26.67
N VAL B 214 22.33 -8.71 -25.74
CA VAL B 214 23.24 -9.79 -25.42
C VAL B 214 22.46 -10.93 -24.77
N ILE B 215 21.70 -10.61 -23.73
CA ILE B 215 20.90 -11.61 -23.05
C ILE B 215 19.45 -11.57 -23.51
N ASN B 216 18.99 -12.63 -24.17
CA ASN B 216 17.59 -12.70 -24.60
C ASN B 216 16.66 -12.83 -23.40
N GLU B 217 15.38 -12.54 -23.59
CA GLU B 217 14.45 -12.56 -22.45
C GLU B 217 14.40 -13.88 -21.73
N GLU B 218 14.49 -15.00 -22.42
CA GLU B 218 14.52 -16.30 -21.74
C GLU B 218 15.66 -16.35 -20.74
N TRP B 219 16.87 -16.08 -21.21
CA TRP B 219 18.01 -16.16 -20.33
C TRP B 219 18.07 -15.04 -19.32
N TYR B 220 17.51 -13.88 -19.64
CA TYR B 220 17.44 -12.80 -18.67
C TYR B 220 16.58 -13.28 -17.53
N PHE B 221 15.46 -13.91 -17.85
CA PHE B 221 14.56 -14.44 -16.83
C PHE B 221 15.28 -15.49 -16.01
N ILE B 222 16.04 -16.36 -16.67
CA ILE B 222 16.76 -17.41 -15.96
C ILE B 222 17.76 -16.80 -14.98
N LEU B 223 18.44 -15.73 -15.38
CA LEU B 223 19.42 -15.10 -14.50
C LEU B 223 18.79 -14.35 -13.35
N HIS B 224 17.63 -13.75 -13.58
CA HIS B 224 16.94 -13.05 -12.51
C HIS B 224 16.41 -14.00 -11.47
N ALA B 225 16.28 -15.27 -11.82
CA ALA B 225 15.88 -16.27 -10.83
C ALA B 225 17.01 -16.55 -9.87
N ILE B 226 18.22 -16.71 -10.39
CA ILE B 226 19.39 -16.92 -9.54
C ILE B 226 19.64 -15.69 -8.69
N LEU B 227 19.36 -14.52 -9.26
CA LEU B 227 19.62 -13.30 -8.51
C LEU B 227 18.64 -13.19 -7.37
N ASP B 228 17.44 -13.72 -7.56
CA ASP B 228 16.45 -13.72 -6.51
C ASP B 228 16.80 -14.71 -5.43
N ILE B 229 17.37 -15.85 -5.80
CA ILE B 229 17.82 -16.77 -4.79
C ILE B 229 18.84 -16.04 -3.92
N LEU B 230 19.78 -15.34 -4.56
CA LEU B 230 20.80 -14.60 -3.81
C LEU B 230 20.27 -13.42 -3.02
N CYS B 231 19.37 -12.64 -3.60
CA CYS B 231 18.74 -11.60 -2.82
C CYS B 231 17.76 -12.37 -1.95
N LYS B 232 16.52 -11.97 -1.87
CA LYS B 232 15.53 -12.75 -1.12
C LYS B 232 16.09 -13.90 -0.27
N ALA B 233 16.08 -15.13 -0.79
CA ALA B 233 16.53 -16.31 -0.01
C ALA B 233 17.87 -16.21 0.72
N VAL B 234 18.97 -16.12 -0.02
CA VAL B 234 20.29 -16.08 0.62
C VAL B 234 20.51 -14.77 1.39
N PHE B 235 19.80 -13.70 1.05
CA PHE B 235 20.01 -12.50 1.85
C PHE B 235 19.40 -12.75 3.21
N GLY B 236 18.23 -13.37 3.21
CA GLY B 236 17.55 -13.65 4.46
C GLY B 236 18.27 -14.69 5.28
N PHE B 237 19.00 -15.61 4.65
CA PHE B 237 19.71 -16.56 5.51
C PHE B 237 20.84 -15.89 6.25
N PHE B 238 21.48 -14.91 5.62
CA PHE B 238 22.52 -14.16 6.32
C PHE B 238 21.92 -13.25 7.37
N MET B 239 20.76 -12.68 7.06
CA MET B 239 20.09 -11.78 8.01
C MET B 239 19.50 -12.59 9.12
N LEU B 240 19.04 -13.80 8.82
CA LEU B 240 18.55 -14.67 9.88
C LEU B 240 19.71 -14.99 10.77
N GLY B 241 20.84 -15.34 10.17
CA GLY B 241 22.04 -15.60 10.95
C GLY B 241 22.37 -14.45 11.85
N PHE B 242 22.37 -13.22 11.33
CA PHE B 242 22.69 -12.03 12.11
C PHE B 242 21.74 -11.93 13.30
N ARG B 243 20.44 -12.04 13.04
CA ARG B 243 19.44 -11.96 14.09
C ARG B 243 19.68 -12.98 15.16
N LEU B 244 19.96 -14.22 14.77
CA LEU B 244 20.16 -15.28 15.73
C LEU B 244 21.40 -15.03 16.56
N GLU B 245 22.46 -14.54 15.93
CA GLU B 245 23.67 -14.21 16.66
C GLU B 245 23.36 -13.15 17.71
N LEU B 246 22.65 -12.10 17.30
CA LEU B 246 22.31 -11.05 18.22
C LEU B 246 21.50 -11.61 19.38
N GLU B 247 20.54 -12.47 19.09
CA GLU B 247 19.66 -13.00 20.12
C GLU B 247 20.39 -13.95 21.06
N GLU B 248 21.39 -14.65 20.55
CA GLU B 248 22.16 -15.51 21.43
C GLU B 248 23.04 -14.67 22.33
N LEU B 249 23.62 -13.61 21.79
CA LEU B 249 24.44 -12.70 22.60
C LEU B 249 23.58 -11.98 23.61
N ASP B 250 22.33 -11.68 23.26
CA ASP B 250 21.43 -11.02 24.18
C ASP B 250 21.08 -11.97 25.30
N PHE B 251 20.79 -13.22 24.97
CA PHE B 251 20.50 -14.21 25.99
C PHE B 251 21.67 -14.29 26.93
N LYS B 252 22.88 -14.35 26.39
CA LYS B 252 24.08 -14.40 27.23
C LYS B 252 24.18 -13.20 28.14
N ALA B 253 23.96 -12.00 27.59
CA ALA B 253 24.04 -10.79 28.38
C ALA B 253 23.01 -10.77 29.49
N ILE B 254 21.77 -11.15 29.16
CA ILE B 254 20.72 -11.19 30.17
C ILE B 254 21.10 -12.16 31.28
N GLU B 255 21.58 -13.34 30.92
CA GLU B 255 21.95 -14.32 31.91
C GLU B 255 23.10 -13.84 32.80
N ALA B 256 24.05 -13.10 32.23
CA ALA B 256 25.15 -12.56 33.02
C ALA B 256 24.66 -11.46 33.93
N GLU B 257 23.79 -10.60 33.42
CA GLU B 257 23.22 -9.53 34.23
C GLU B 257 22.46 -10.14 35.39
N GLN B 258 21.73 -11.22 35.13
CA GLN B 258 20.98 -11.87 36.18
C GLN B 258 21.88 -12.54 37.20
N ALA B 259 23.02 -13.07 36.78
CA ALA B 259 23.96 -13.64 37.73
C ALA B 259 24.47 -12.55 38.66
N LYS B 260 24.76 -11.38 38.10
CA LYS B 260 25.22 -10.26 38.91
C LYS B 260 24.10 -9.72 39.78
N LEU B 261 22.86 -9.88 39.34
CA LEU B 261 21.72 -9.41 40.13
C LEU B 261 21.56 -10.30 41.35
N GLU B 262 21.80 -11.59 41.19
CA GLU B 262 21.69 -12.51 42.31
C GLU B 262 22.89 -12.34 43.22
N GLY B 263 24.03 -11.94 42.66
CA GLY B 263 25.22 -11.73 43.46
C GLY B 263 25.43 -10.28 43.81
N SER C 2 -17.19 -16.65 -27.15
CA SER C 2 -16.64 -15.32 -27.39
C SER C 2 -15.84 -14.88 -26.18
N GLU C 3 -15.54 -13.58 -26.11
CA GLU C 3 -14.83 -13.06 -24.94
C GLU C 3 -15.70 -13.28 -23.73
N CYS C 4 -16.99 -13.04 -23.88
CA CYS C 4 -17.91 -13.28 -22.78
C CYS C 4 -18.34 -14.73 -22.78
N CYS C 5 -18.17 -15.40 -21.65
CA CYS C 5 -18.57 -16.80 -21.55
C CYS C 5 -20.07 -16.88 -21.51
N GLU C 6 -20.63 -18.04 -21.87
CA GLU C 6 -22.08 -18.19 -21.92
C GLU C 6 -22.78 -17.67 -20.67
N LEU C 7 -22.23 -17.95 -19.50
CA LEU C 7 -22.87 -17.54 -18.26
C LEU C 7 -22.25 -16.28 -17.68
N CYS C 8 -22.24 -15.20 -18.46
CA CYS C 8 -21.66 -13.96 -17.99
C CYS C 8 -22.64 -12.81 -18.08
N VAL C 9 -22.33 -11.69 -17.43
CA VAL C 9 -23.23 -10.54 -17.44
C VAL C 9 -23.05 -9.76 -18.73
N CYS C 10 -22.05 -10.14 -19.52
CA CYS C 10 -21.79 -9.44 -20.76
C CYS C 10 -22.64 -10.01 -21.87
N GLN C 11 -23.36 -11.09 -21.58
CA GLN C 11 -24.24 -11.69 -22.56
C GLN C 11 -25.67 -11.23 -22.32
N LYS C 12 -25.88 -10.49 -21.23
CA LYS C 12 -27.21 -9.99 -20.91
C LYS C 12 -27.48 -8.72 -21.70
N GLU C 13 -28.71 -8.58 -22.18
CA GLU C 13 -29.07 -7.42 -23.00
C GLU C 13 -29.34 -6.17 -22.18
N PRO C 14 -29.17 -4.99 -22.78
CA PRO C 14 -29.49 -3.75 -22.07
C PRO C 14 -30.92 -3.73 -21.60
N GLY C 15 -31.15 -3.43 -20.32
CA GLY C 15 -32.50 -3.37 -19.79
C GLY C 15 -32.79 -4.53 -18.87
N THR C 16 -31.90 -5.51 -18.82
CA THR C 16 -32.12 -6.67 -17.98
C THR C 16 -31.21 -6.69 -16.76
N PHE C 17 -30.73 -5.52 -16.35
CA PHE C 17 -29.81 -5.46 -15.24
C PHE C 17 -30.43 -4.89 -13.98
N GLY C 18 -31.73 -4.59 -14.01
CA GLY C 18 -32.39 -4.01 -12.87
C GLY C 18 -32.14 -4.72 -11.56
N ALA C 19 -32.21 -6.05 -11.56
CA ALA C 19 -31.95 -6.83 -10.36
C ALA C 19 -30.59 -6.53 -9.78
N LEU C 20 -29.57 -6.53 -10.62
CA LEU C 20 -28.22 -6.27 -10.15
C LEU C 20 -28.07 -4.88 -9.56
N ILE C 21 -28.60 -3.86 -10.24
CA ILE C 21 -28.54 -2.51 -9.69
C ILE C 21 -29.23 -2.48 -8.34
N ALA C 22 -30.43 -3.03 -8.26
CA ALA C 22 -31.17 -3.04 -7.00
C ALA C 22 -30.40 -3.70 -5.87
N VAL C 23 -29.94 -4.92 -6.08
CA VAL C 23 -29.17 -5.62 -5.07
C VAL C 23 -27.98 -4.79 -4.64
N ASN C 24 -27.23 -4.27 -5.58
CA ASN C 24 -26.02 -3.52 -5.25
C ASN C 24 -26.29 -2.18 -4.58
N THR C 25 -27.41 -1.53 -4.89
CA THR C 25 -27.75 -0.29 -4.20
C THR C 25 -28.19 -0.61 -2.79
N ILE C 26 -29.00 -1.65 -2.63
CA ILE C 26 -29.46 -2.03 -1.31
C ILE C 26 -28.28 -2.39 -0.42
N THR C 27 -27.33 -3.16 -0.93
CA THR C 27 -26.18 -3.53 -0.14
C THR C 27 -25.31 -2.33 0.14
N ALA C 28 -25.21 -1.40 -0.80
CA ALA C 28 -24.46 -0.18 -0.55
C ALA C 28 -25.06 0.54 0.63
N ILE C 29 -26.37 0.77 0.59
CA ILE C 29 -27.05 1.42 1.70
C ILE C 29 -26.79 0.67 3.00
N ILE C 30 -27.05 -0.63 3.03
CA ILE C 30 -26.84 -1.43 4.23
C ILE C 30 -25.43 -1.27 4.76
N LEU C 31 -24.43 -1.51 3.93
CA LEU C 31 -23.04 -1.42 4.39
C LEU C 31 -22.67 -0.04 4.87
N VAL C 32 -23.04 1.00 4.13
CA VAL C 32 -22.75 2.36 4.55
C VAL C 32 -23.46 2.70 5.85
N ALA C 33 -24.75 2.38 5.96
CA ALA C 33 -25.51 2.68 7.17
C ALA C 33 -25.04 1.87 8.37
N ALA C 34 -24.63 0.64 8.16
CA ALA C 34 -24.10 -0.17 9.25
C ALA C 34 -22.82 0.46 9.71
N GLY C 35 -21.96 0.82 8.76
CA GLY C 35 -20.71 1.45 9.11
C GLY C 35 -20.91 2.80 9.76
N ALA C 36 -21.97 3.50 9.39
CA ALA C 36 -22.27 4.79 10.00
C ALA C 36 -22.78 4.63 11.41
N TYR C 37 -23.54 3.57 11.67
CA TYR C 37 -23.97 3.32 13.04
C TYR C 37 -22.75 2.96 13.85
N MET C 38 -21.89 2.12 13.31
CA MET C 38 -20.67 1.73 14.00
C MET C 38 -19.83 2.96 14.27
N ALA C 39 -19.76 3.87 13.30
CA ALA C 39 -18.98 5.10 13.48
C ALA C 39 -19.58 5.96 14.55
N TRP C 40 -20.90 6.12 14.53
CA TRP C 40 -21.55 6.88 15.58
C TRP C 40 -21.27 6.24 16.93
N LYS C 41 -21.48 4.94 17.05
CA LYS C 41 -21.27 4.26 18.33
C LYS C 41 -19.86 4.45 18.85
N THR C 42 -18.86 4.35 17.97
CA THR C 42 -17.48 4.50 18.41
C THR C 42 -17.19 5.93 18.84
N ALA C 43 -17.72 6.90 18.09
CA ALA C 43 -17.50 8.29 18.44
C ALA C 43 -18.25 8.69 19.69
N ALA C 44 -19.54 8.38 19.74
CA ALA C 44 -20.37 8.77 20.88
C ALA C 44 -19.79 8.39 22.23
N GLY C 45 -19.34 7.16 22.38
CA GLY C 45 -18.85 6.75 23.66
C GLY C 45 -18.00 5.52 23.74
N LEU C 46 -17.64 5.15 24.96
CA LEU C 46 -16.77 4.00 25.15
C LEU C 46 -17.55 2.71 25.12
N GLY C 47 -18.33 2.45 26.16
CA GLY C 47 -19.01 1.16 26.22
C GLY C 47 -20.42 1.12 25.69
N TRP C 48 -21.23 0.25 26.26
CA TRP C 48 -22.61 0.11 25.82
C TRP C 48 -23.41 1.33 26.22
N ASN C 49 -23.08 1.91 27.36
CA ASN C 49 -23.79 3.08 27.82
C ASN C 49 -23.09 4.36 27.41
N THR C 50 -22.52 4.38 26.21
CA THR C 50 -21.80 5.55 25.68
C THR C 50 -21.11 6.44 26.69
N ARG C 51 -20.12 5.92 27.38
CA ARG C 51 -19.40 6.70 28.38
C ARG C 51 -18.50 7.70 27.68
N PRO C 52 -18.55 8.97 28.09
CA PRO C 52 -17.75 10.02 27.45
C PRO C 52 -16.33 9.55 27.18
N HIS C 53 -15.86 9.68 25.94
CA HIS C 53 -14.53 9.17 25.59
C HIS C 53 -13.37 9.81 26.36
N GLY C 54 -12.89 10.94 25.87
CA GLY C 54 -11.77 11.60 26.52
C GLY C 54 -11.06 12.57 25.61
N PRO C 55 -9.94 13.12 26.07
CA PRO C 55 -9.19 14.10 25.26
C PRO C 55 -8.71 13.50 23.95
N GLU C 56 -8.10 12.33 23.99
CA GLU C 56 -7.59 11.69 22.79
C GLU C 56 -8.71 11.20 21.89
N GLY C 57 -9.87 10.91 22.47
CA GLY C 57 -11.00 10.45 21.68
C GLY C 57 -10.90 8.98 21.34
N PRO C 58 -11.75 8.51 20.40
CA PRO C 58 -11.74 7.10 20.01
C PRO C 58 -10.42 6.72 19.38
N PRO C 59 -9.89 5.55 19.73
CA PRO C 59 -8.65 5.06 19.12
C PRO C 59 -8.77 4.99 17.61
N GLU C 60 -7.65 5.10 16.90
CA GLU C 60 -7.69 5.10 15.44
C GLU C 60 -8.13 3.76 14.88
N GLU C 61 -7.97 2.70 15.66
CA GLU C 61 -8.38 1.38 15.22
C GLU C 61 -9.88 1.19 15.41
N ASN C 62 -10.50 2.03 16.22
CA ASN C 62 -11.94 1.95 16.39
C ASN C 62 -12.62 2.38 15.10
N TRP C 63 -11.85 2.99 14.19
CA TRP C 63 -12.38 3.39 12.88
C TRP C 63 -12.11 2.40 11.77
N LEU C 64 -11.24 1.44 11.99
CA LEU C 64 -10.99 0.41 10.99
C LEU C 64 -12.29 -0.31 10.70
N SER C 65 -13.03 -0.75 11.71
CA SER C 65 -14.30 -1.50 11.49
C SER C 65 -15.40 -0.68 10.75
N PRO C 66 -15.87 0.50 11.29
CA PRO C 66 -16.82 1.27 10.48
C PRO C 66 -16.23 1.54 9.13
N GLY C 67 -14.95 1.88 9.10
CA GLY C 67 -14.28 2.17 7.85
C GLY C 67 -14.54 1.17 6.76
N ILE C 68 -14.23 -0.09 6.99
CA ILE C 68 -14.42 -1.12 5.96
C ILE C 68 -15.85 -1.17 5.47
N SER C 69 -16.80 -1.23 6.39
CA SER C 69 -18.21 -1.27 6.01
C SER C 69 -18.59 -0.09 5.13
N ILE C 70 -18.18 1.11 5.49
CA ILE C 70 -18.52 2.28 4.68
C ILE C 70 -17.84 2.22 3.32
N LEU C 71 -16.57 1.85 3.27
CA LEU C 71 -15.84 1.77 2.02
C LEU C 71 -16.42 0.70 1.12
N CYS C 72 -16.83 -0.42 1.70
CA CYS C 72 -17.45 -1.46 0.90
C CYS C 72 -18.79 -0.99 0.37
N GLY C 73 -19.43 -0.11 1.10
CA GLY C 73 -20.70 0.44 0.66
C GLY C 73 -20.44 1.40 -0.47
N VAL C 74 -19.37 2.17 -0.39
CA VAL C 74 -19.02 3.08 -1.48
C VAL C 74 -18.64 2.26 -2.70
N MET C 75 -17.93 1.16 -2.47
CA MET C 75 -17.59 0.27 -3.56
C MET C 75 -18.84 -0.25 -4.20
N TYR C 76 -19.83 -0.62 -3.39
CA TYR C 76 -21.04 -1.21 -3.96
C TYR C 76 -21.88 -0.18 -4.65
N ALA C 77 -21.79 1.07 -4.24
CA ALA C 77 -22.50 2.14 -4.92
C ALA C 77 -21.86 2.33 -6.27
N PHE C 78 -20.53 2.25 -6.32
CA PHE C 78 -19.84 2.36 -7.59
C PHE C 78 -20.21 1.20 -8.48
N LYS C 79 -20.44 0.04 -7.88
CA LYS C 79 -20.78 -1.15 -8.65
C LYS C 79 -22.17 -0.99 -9.22
N ALA C 80 -23.07 -0.38 -8.46
CA ALA C 80 -24.43 -0.18 -8.91
C ALA C 80 -24.48 0.88 -9.97
N ILE C 81 -23.58 1.86 -9.87
CA ILE C 81 -23.53 2.86 -10.93
C ILE C 81 -23.06 2.16 -12.17
N ASP C 82 -22.08 1.28 -12.02
CA ASP C 82 -21.55 0.52 -13.15
C ASP C 82 -22.64 -0.33 -13.75
N TRP C 83 -23.44 -1.00 -12.92
CA TRP C 83 -24.51 -1.89 -13.39
C TRP C 83 -25.61 -1.13 -14.09
N ALA C 84 -25.76 0.16 -13.76
CA ALA C 84 -26.74 1.00 -14.42
C ALA C 84 -26.30 1.35 -15.82
N SER C 85 -24.98 1.40 -16.04
CA SER C 85 -24.46 1.67 -17.37
C SER C 85 -24.65 0.44 -18.21
N TYR C 86 -24.63 -0.72 -17.59
CA TYR C 86 -24.84 -1.97 -18.30
C TYR C 86 -26.31 -2.07 -18.64
N ASN C 87 -27.18 -1.46 -17.84
CA ASN C 87 -28.61 -1.50 -18.10
C ASN C 87 -28.94 -0.60 -19.26
N ASP C 88 -28.18 0.47 -19.42
CA ASP C 88 -28.45 1.43 -20.49
C ASP C 88 -27.58 1.20 -21.70
N THR C 89 -26.29 1.53 -21.59
CA THR C 89 -25.37 1.37 -22.71
C THR C 89 -25.16 -0.10 -23.05
N GLY C 90 -25.25 -0.97 -22.07
CA GLY C 90 -25.05 -2.39 -22.30
C GLY C 90 -23.59 -2.78 -22.32
N GLU C 91 -22.71 -1.90 -21.83
CA GLU C 91 -21.28 -2.19 -21.90
C GLU C 91 -20.42 -1.66 -20.77
N SER C 92 -20.95 -1.58 -19.55
CA SER C 92 -20.17 -1.16 -18.37
C SER C 92 -19.55 0.24 -18.38
N THR C 93 -18.82 0.56 -17.31
CA THR C 93 -18.15 1.85 -17.24
C THR C 93 -16.68 1.63 -17.45
N ALA C 94 -15.90 2.70 -17.48
CA ALA C 94 -14.46 2.57 -17.64
C ALA C 94 -13.89 2.13 -16.31
N PHE C 95 -14.38 2.72 -15.23
CA PHE C 95 -13.94 2.31 -13.90
C PHE C 95 -14.97 1.36 -13.32
N SER C 96 -14.85 0.09 -13.66
CA SER C 96 -15.81 -0.89 -13.19
C SER C 96 -15.20 -1.74 -12.11
N LEU C 97 -15.86 -1.79 -10.96
CA LEU C 97 -15.38 -2.61 -9.86
C LEU C 97 -15.94 -4.00 -10.04
N ASN C 98 -16.70 -4.20 -11.12
CA ASN C 98 -17.29 -5.49 -11.39
C ASN C 98 -16.49 -6.25 -12.43
N GLN C 99 -15.50 -5.61 -13.04
CA GLN C 99 -14.66 -6.27 -14.05
C GLN C 99 -13.79 -7.32 -13.40
N VAL C 100 -12.80 -6.90 -12.63
CA VAL C 100 -11.94 -7.85 -11.94
C VAL C 100 -12.63 -8.42 -10.72
N TRP C 101 -12.79 -9.73 -10.67
CA TRP C 101 -13.46 -10.38 -9.54
C TRP C 101 -12.53 -10.46 -8.36
N TYR C 102 -13.04 -10.20 -7.16
CA TYR C 102 -12.24 -10.28 -5.93
C TYR C 102 -11.13 -9.24 -5.84
N SER C 103 -11.26 -8.17 -6.59
CA SER C 103 -10.22 -7.14 -6.59
C SER C 103 -10.50 -6.19 -5.46
N ASP C 104 -11.76 -6.06 -5.10
CA ASP C 104 -12.14 -5.19 -3.99
C ASP C 104 -11.96 -5.96 -2.71
N TYR C 105 -12.06 -7.28 -2.80
CA TYR C 105 -11.92 -8.11 -1.61
C TYR C 105 -10.54 -8.00 -1.06
N LEU C 106 -9.55 -7.72 -1.91
CA LEU C 106 -8.21 -7.46 -1.38
C LEU C 106 -8.24 -6.45 -0.24
N ILE C 107 -8.47 -5.19 -0.57
CA ILE C 107 -8.56 -4.19 0.48
C ILE C 107 -9.41 -4.66 1.64
N THR C 108 -10.69 -4.97 1.36
CA THR C 108 -11.57 -5.29 2.50
C THR C 108 -10.99 -6.33 3.45
N CYS C 109 -10.45 -7.42 2.94
CA CYS C 109 -9.84 -8.48 3.74
C CYS C 109 -8.59 -8.08 4.50
N PRO C 110 -7.56 -7.56 3.79
CA PRO C 110 -6.52 -7.08 4.69
C PRO C 110 -6.98 -6.13 5.78
N LEU C 111 -8.06 -5.37 5.56
CA LEU C 111 -8.50 -4.52 6.65
C LEU C 111 -9.26 -5.27 7.77
N LEU C 112 -10.10 -6.24 7.42
CA LEU C 112 -10.85 -7.04 8.40
C LEU C 112 -9.99 -7.97 9.28
N VAL C 113 -9.08 -8.73 8.69
CA VAL C 113 -8.20 -9.57 9.48
C VAL C 113 -7.40 -8.69 10.42
N LEU C 114 -6.95 -7.53 9.96
CA LEU C 114 -6.25 -6.62 10.84
C LEU C 114 -7.15 -6.23 11.99
N ASP C 115 -8.38 -5.83 11.71
CA ASP C 115 -9.34 -5.50 12.76
C ASP C 115 -9.42 -6.60 13.79
N PHE C 116 -9.78 -7.81 13.37
CA PHE C 116 -9.89 -8.91 14.29
C PHE C 116 -8.62 -9.01 15.12
N CYS C 117 -7.47 -9.07 14.46
CA CYS C 117 -6.23 -9.21 15.19
C CYS C 117 -5.89 -8.08 16.16
N ILE C 118 -6.37 -6.88 15.90
CA ILE C 118 -6.13 -5.77 16.82
C ILE C 118 -7.09 -5.85 17.99
N THR C 119 -8.39 -5.99 17.72
CA THR C 119 -9.39 -6.03 18.77
C THR C 119 -9.18 -7.18 19.75
N VAL C 120 -8.92 -8.37 19.22
CA VAL C 120 -8.73 -9.55 20.07
C VAL C 120 -7.27 -9.68 20.49
N ASN C 121 -6.44 -8.73 20.07
CA ASN C 121 -5.01 -8.77 20.38
C ASN C 121 -4.41 -10.10 19.96
N LEU C 122 -4.79 -10.58 18.78
CA LEU C 122 -4.23 -11.81 18.27
C LEU C 122 -2.84 -11.45 17.81
N ARG C 123 -1.90 -12.38 17.97
CA ARG C 123 -0.53 -12.12 17.58
C ARG C 123 -0.36 -12.17 16.08
N TYR C 124 0.82 -11.83 15.59
CA TYR C 124 1.10 -11.86 14.15
C TYR C 124 0.04 -11.12 13.36
N LYS C 125 -0.39 -9.96 13.84
CA LYS C 125 -1.44 -9.21 13.16
C LYS C 125 -1.11 -8.94 11.72
N LEU C 126 0.06 -8.35 11.50
CA LEU C 126 0.46 -8.00 10.14
C LEU C 126 0.68 -9.24 9.31
N VAL C 127 1.33 -10.25 9.87
CA VAL C 127 1.52 -11.50 9.14
C VAL C 127 0.19 -11.99 8.59
N PHE C 128 -0.79 -12.22 9.46
CA PHE C 128 -2.10 -12.69 9.03
C PHE C 128 -2.71 -11.81 7.96
N SER C 129 -2.69 -10.50 8.17
CA SER C 129 -3.31 -9.58 7.22
C SER C 129 -2.66 -9.62 5.85
N SER C 130 -1.35 -9.78 5.80
CA SER C 130 -0.65 -9.82 4.52
C SER C 130 -0.85 -11.16 3.85
N SER C 131 -0.95 -12.20 4.65
CA SER C 131 -1.19 -13.52 4.11
C SER C 131 -2.54 -13.48 3.40
N ILE C 132 -3.54 -12.89 4.04
CA ILE C 132 -4.87 -12.87 3.44
C ILE C 132 -4.87 -12.02 2.18
N ALA C 133 -4.13 -10.91 2.17
CA ALA C 133 -4.02 -10.11 0.96
C ALA C 133 -3.44 -10.92 -0.17
N CYS C 134 -2.41 -11.70 0.12
CA CYS C 134 -1.77 -12.52 -0.91
C CYS C 134 -2.66 -13.67 -1.38
N LEU C 135 -3.46 -14.24 -0.49
CA LEU C 135 -4.36 -15.32 -0.86
C LEU C 135 -5.55 -14.81 -1.62
N LEU C 136 -5.85 -13.53 -1.45
CA LEU C 136 -6.95 -12.94 -2.20
C LEU C 136 -6.44 -12.27 -3.45
N ALA C 137 -5.17 -12.46 -3.76
CA ALA C 137 -4.64 -11.96 -5.01
C ALA C 137 -4.62 -13.20 -5.86
N ILE C 138 -4.44 -14.35 -5.22
CA ILE C 138 -4.50 -15.62 -5.94
C ILE C 138 -5.95 -15.84 -6.33
N ALA C 139 -6.88 -15.35 -5.51
CA ALA C 139 -8.29 -15.48 -5.80
C ALA C 139 -8.64 -14.77 -7.08
N VAL C 140 -8.17 -13.53 -7.25
CA VAL C 140 -8.41 -12.80 -8.48
C VAL C 140 -7.87 -13.59 -9.65
N SER C 141 -6.66 -14.10 -9.50
CA SER C 141 -6.04 -14.88 -10.56
C SER C 141 -6.88 -16.08 -10.98
N THR C 142 -7.45 -16.79 -10.01
CA THR C 142 -8.22 -17.98 -10.34
C THR C 142 -9.47 -17.68 -11.15
N PHE C 143 -9.79 -16.39 -11.31
CA PHE C 143 -10.96 -15.98 -12.09
C PHE C 143 -10.55 -15.57 -13.47
N ILE C 144 -9.32 -15.09 -13.59
CA ILE C 144 -8.80 -14.66 -14.88
C ILE C 144 -8.03 -15.76 -15.60
N VAL C 145 -7.11 -16.41 -14.91
CA VAL C 145 -6.28 -17.46 -15.52
C VAL C 145 -7.11 -18.57 -16.13
N ASP C 146 -6.66 -19.10 -17.27
CA ASP C 146 -7.42 -20.13 -17.98
C ASP C 146 -7.55 -21.46 -17.25
N ALA C 147 -8.27 -22.40 -17.85
CA ALA C 147 -8.55 -23.67 -17.16
C ALA C 147 -7.47 -24.42 -16.38
N PRO C 148 -6.60 -25.19 -17.05
CA PRO C 148 -5.68 -26.01 -16.24
C PRO C 148 -4.96 -25.26 -15.14
N TYR C 149 -4.51 -24.05 -15.40
CA TYR C 149 -3.71 -23.31 -14.42
C TYR C 149 -4.50 -22.59 -13.34
N ARG C 150 -5.80 -22.43 -13.53
CA ARG C 150 -6.64 -21.83 -12.50
C ARG C 150 -6.78 -22.80 -11.35
N TYR C 151 -6.68 -24.09 -11.62
CA TYR C 151 -6.84 -25.09 -10.59
C TYR C 151 -5.54 -25.28 -9.86
N TYR C 152 -4.43 -24.99 -10.52
CA TYR C 152 -3.13 -25.09 -9.87
C TYR C 152 -3.03 -23.91 -8.92
N MET C 153 -3.45 -22.74 -9.39
CA MET C 153 -3.44 -21.57 -8.53
C MET C 153 -4.42 -21.72 -7.39
N TYR C 154 -5.59 -22.31 -7.66
CA TYR C 154 -6.57 -22.54 -6.61
C TYR C 154 -5.96 -23.41 -5.54
N GLY C 155 -5.23 -24.44 -5.94
CA GLY C 155 -4.57 -25.30 -4.98
C GLY C 155 -3.66 -24.54 -4.04
N ILE C 156 -2.79 -23.70 -4.58
CA ILE C 156 -1.90 -22.89 -3.76
C ILE C 156 -2.69 -21.99 -2.83
N GLY C 157 -3.67 -21.28 -3.36
CA GLY C 157 -4.50 -20.41 -2.54
C GLY C 157 -5.20 -21.15 -1.43
N LEU C 158 -5.80 -22.30 -1.73
CA LEU C 158 -6.51 -23.07 -0.73
C LEU C 158 -5.57 -23.64 0.32
N ALA C 159 -4.39 -24.06 -0.08
CA ALA C 159 -3.41 -24.54 0.89
C ALA C 159 -3.10 -23.45 1.88
N GLY C 160 -2.75 -22.27 1.39
CA GLY C 160 -2.47 -21.16 2.26
C GLY C 160 -3.67 -20.72 3.09
N PHE C 161 -4.88 -20.80 2.54
CA PHE C 161 -6.09 -20.43 3.25
C PHE C 161 -6.29 -21.36 4.43
N ILE C 162 -6.09 -22.66 4.20
CA ILE C 162 -6.23 -23.64 5.27
C ILE C 162 -5.14 -23.43 6.32
N CYS C 163 -3.92 -23.16 5.87
CA CYS C 163 -2.82 -22.90 6.80
C CYS C 163 -3.09 -21.67 7.65
N ALA C 164 -3.51 -20.57 7.02
CA ALA C 164 -3.78 -19.34 7.76
C ALA C 164 -4.99 -19.50 8.64
N GLY C 165 -5.95 -20.29 8.19
CA GLY C 165 -7.14 -20.53 8.99
C GLY C 165 -6.78 -21.30 10.23
N TYR C 166 -5.95 -22.32 10.10
CA TYR C 166 -5.52 -23.10 11.24
C TYR C 166 -4.78 -22.22 12.22
N ALA C 167 -3.83 -21.45 11.71
CA ALA C 167 -3.06 -20.56 12.57
C ALA C 167 -3.96 -19.56 13.27
N LEU C 168 -4.95 -19.02 12.57
CA LEU C 168 -5.88 -18.07 13.18
C LEU C 168 -6.67 -18.75 14.27
N TRP C 169 -7.24 -19.91 13.98
CA TRP C 169 -8.00 -20.65 14.98
C TRP C 169 -7.17 -20.80 16.23
N ASN C 170 -5.94 -21.26 16.08
CA ASN C 170 -5.06 -21.42 17.23
C ASN C 170 -4.91 -20.13 18.01
N GLU C 171 -4.66 -19.02 17.31
CA GLU C 171 -4.51 -17.73 17.98
C GLU C 171 -5.73 -17.32 18.80
N ILE C 172 -6.92 -17.43 18.23
CA ILE C 172 -8.13 -17.05 18.95
C ILE C 172 -8.34 -17.96 20.15
N ASN C 173 -8.05 -19.25 19.99
CA ASN C 173 -8.20 -20.19 21.10
C ASN C 173 -7.10 -20.02 22.13
N ALA C 174 -6.00 -19.35 21.78
CA ALA C 174 -4.93 -19.09 22.72
C ALA C 174 -5.11 -17.72 23.33
N GLN C 175 -6.25 -17.09 23.08
CA GLN C 175 -6.53 -15.79 23.64
C GLN C 175 -7.85 -15.93 24.36
N ARG C 176 -8.46 -17.10 24.27
CA ARG C 176 -9.77 -17.32 24.90
C ARG C 176 -9.70 -17.10 26.40
N GLU C 177 -8.63 -17.59 27.03
CA GLU C 177 -8.47 -17.43 28.46
C GLU C 177 -8.55 -15.97 28.89
N LYS C 178 -7.92 -15.08 28.13
CA LYS C 178 -7.97 -13.66 28.45
C LYS C 178 -9.35 -13.08 28.21
N ILE C 179 -9.94 -13.37 27.06
CA ILE C 179 -11.25 -12.82 26.71
C ILE C 179 -12.33 -13.20 27.72
N PRO C 180 -13.00 -12.20 28.32
CA PRO C 180 -14.06 -12.46 29.29
C PRO C 180 -15.23 -13.22 28.65
N ASP C 181 -15.97 -13.96 29.46
CA ASP C 181 -17.07 -14.75 28.93
C ASP C 181 -18.19 -13.91 28.33
N SER C 182 -18.40 -12.71 28.86
CA SER C 182 -19.42 -11.82 28.32
C SER C 182 -19.03 -11.37 26.93
N ALA C 183 -17.75 -11.13 26.71
CA ALA C 183 -17.28 -10.68 25.40
C ALA C 183 -17.08 -11.83 24.44
N TRP C 184 -17.02 -13.05 24.96
CA TRP C 184 -16.80 -14.20 24.09
C TRP C 184 -17.96 -14.49 23.18
N TRP C 185 -19.19 -14.17 23.59
CA TRP C 185 -20.33 -14.37 22.72
C TRP C 185 -20.12 -13.70 21.37
N TYR C 186 -19.75 -12.43 21.39
CA TYR C 186 -19.55 -11.68 20.17
C TYR C 186 -18.34 -12.17 19.41
N LEU C 187 -17.34 -12.64 20.13
CA LEU C 187 -16.14 -13.17 19.49
C LEU C 187 -16.44 -14.45 18.76
N SER C 188 -17.14 -15.36 19.41
CA SER C 188 -17.45 -16.64 18.81
C SER C 188 -18.37 -16.45 17.61
N ALA C 189 -19.20 -15.41 17.64
CA ALA C 189 -20.07 -15.13 16.52
C ALA C 189 -19.29 -14.57 15.35
N GLY C 190 -18.30 -13.72 15.63
CA GLY C 190 -17.45 -13.21 14.57
C GLY C 190 -16.52 -14.28 14.07
N ARG C 191 -16.22 -15.26 14.91
CA ARG C 191 -15.37 -16.37 14.50
C ARG C 191 -16.16 -17.30 13.63
N LEU C 192 -17.42 -17.49 14.03
CA LEU C 192 -18.30 -18.37 13.29
C LEU C 192 -18.34 -17.68 12.00
N ILE C 193 -18.78 -16.43 11.87
CA ILE C 193 -18.70 -15.75 10.57
C ILE C 193 -17.35 -15.95 9.82
N PHE C 194 -16.23 -16.01 10.53
CA PHE C 194 -14.90 -16.21 9.92
C PHE C 194 -14.61 -17.60 9.40
N PHE C 195 -15.03 -18.65 10.10
CA PHE C 195 -14.66 -20.02 9.70
C PHE C 195 -15.70 -20.69 8.82
N ALA C 196 -16.97 -20.39 9.01
CA ALA C 196 -18.01 -20.82 8.08
C ALA C 196 -18.10 -19.87 6.89
N GLY C 197 -18.51 -18.63 7.15
CA GLY C 197 -18.65 -17.64 6.09
C GLY C 197 -17.51 -17.52 5.11
N TRP C 198 -16.27 -17.54 5.58
CA TRP C 198 -15.16 -17.53 4.64
C TRP C 198 -15.09 -18.79 3.79
N PRO C 199 -14.90 -19.99 4.41
CA PRO C 199 -14.98 -21.12 3.47
C PRO C 199 -16.07 -21.13 2.41
N PHE C 200 -17.21 -20.50 2.61
CA PHE C 200 -18.27 -20.33 1.61
C PHE C 200 -17.73 -19.64 0.39
N PHE C 201 -17.05 -18.52 0.59
CA PHE C 201 -16.43 -17.83 -0.55
C PHE C 201 -15.60 -18.90 -1.30
N PRO C 202 -14.53 -19.49 -0.67
CA PRO C 202 -13.88 -20.56 -1.47
C PRO C 202 -14.64 -21.75 -2.11
N LEU C 203 -15.77 -22.19 -1.58
CA LEU C 203 -16.56 -23.28 -2.14
C LEU C 203 -17.46 -22.83 -3.27
N LEU C 204 -17.99 -21.62 -3.19
CA LEU C 204 -18.80 -21.09 -4.26
C LEU C 204 -17.97 -21.01 -5.53
N TRP C 205 -16.65 -21.00 -5.39
CA TRP C 205 -15.76 -20.96 -6.54
C TRP C 205 -15.96 -22.22 -7.35
N THR C 206 -16.05 -23.35 -6.67
CA THR C 206 -16.20 -24.63 -7.36
C THR C 206 -17.48 -24.74 -8.19
N LEU C 207 -18.49 -23.94 -7.89
CA LEU C 207 -19.74 -23.97 -8.65
C LEU C 207 -19.96 -22.70 -9.45
N SER C 208 -18.91 -21.90 -9.61
CA SER C 208 -19.06 -20.63 -10.30
C SER C 208 -19.19 -20.70 -11.78
N PHE C 209 -19.50 -19.59 -12.40
CA PHE C 209 -19.65 -19.52 -13.85
C PHE C 209 -18.42 -19.96 -14.63
N HIS C 210 -17.23 -19.67 -14.12
CA HIS C 210 -16.02 -19.99 -14.85
C HIS C 210 -15.51 -21.39 -14.55
N THR C 211 -15.82 -21.90 -13.37
CA THR C 211 -15.39 -23.23 -13.02
C THR C 211 -16.39 -24.24 -13.53
N SER C 212 -17.47 -24.46 -12.78
CA SER C 212 -18.50 -25.39 -13.24
C SER C 212 -19.47 -24.66 -14.14
N GLY C 213 -20.42 -23.97 -13.56
CA GLY C 213 -21.39 -23.23 -14.35
C GLY C 213 -22.74 -23.29 -13.71
N VAL C 214 -22.79 -23.72 -12.45
CA VAL C 214 -24.05 -23.79 -11.74
C VAL C 214 -24.57 -22.39 -11.51
N ILE C 215 -23.73 -21.52 -10.95
CA ILE C 215 -24.14 -20.15 -10.69
C ILE C 215 -23.61 -19.22 -11.77
N ASN C 216 -24.49 -18.63 -12.56
CA ASN C 216 -24.08 -17.66 -13.57
C ASN C 216 -23.53 -16.39 -12.94
N GLU C 217 -22.80 -15.59 -13.70
CA GLU C 217 -22.16 -14.40 -13.12
C GLU C 217 -23.14 -13.45 -12.48
N GLU C 218 -24.33 -13.27 -13.05
CA GLU C 218 -25.32 -12.41 -12.41
C GLU C 218 -25.60 -12.88 -11.00
N TRP C 219 -25.98 -14.14 -10.86
CA TRP C 219 -26.33 -14.63 -9.55
C TRP C 219 -25.14 -14.80 -8.65
N TYR C 220 -23.96 -15.04 -9.20
CA TYR C 220 -22.75 -15.12 -8.38
C TYR C 220 -22.56 -13.76 -7.76
N PHE C 221 -22.73 -12.71 -8.55
CA PHE C 221 -22.59 -11.34 -8.06
C PHE C 221 -23.62 -11.08 -6.99
N ILE C 222 -24.86 -11.53 -7.21
CA ILE C 222 -25.92 -11.32 -6.24
C ILE C 222 -25.58 -12.00 -4.91
N LEU C 223 -25.01 -13.19 -4.97
CA LEU C 223 -24.65 -13.93 -3.74
C LEU C 223 -23.47 -13.32 -3.02
N HIS C 224 -22.52 -12.77 -3.77
CA HIS C 224 -21.36 -12.14 -3.15
C HIS C 224 -21.75 -10.85 -2.45
N ALA C 225 -22.90 -10.29 -2.81
CA ALA C 225 -23.39 -9.10 -2.10
C ALA C 225 -23.88 -9.49 -0.72
N ILE C 226 -24.64 -10.57 -0.63
CA ILE C 226 -25.12 -11.04 0.67
C ILE C 226 -23.94 -11.47 1.52
N LEU C 227 -22.92 -12.03 0.87
CA LEU C 227 -21.80 -12.52 1.64
C LEU C 227 -21.03 -11.35 2.20
N ASP C 228 -21.04 -10.23 1.49
CA ASP C 228 -20.38 -9.03 1.97
C ASP C 228 -21.17 -8.41 3.09
N ILE C 229 -22.49 -8.47 3.04
CA ILE C 229 -23.25 -7.97 4.16
C ILE C 229 -22.83 -8.77 5.39
N LEU C 230 -22.75 -10.09 5.25
CA LEU C 230 -22.36 -10.94 6.37
C LEU C 230 -20.91 -10.77 6.81
N CYS C 231 -19.99 -10.66 5.88
CA CYS C 231 -18.63 -10.36 6.27
C CYS C 231 -18.72 -8.87 6.61
N LYS C 232 -17.82 -8.06 6.09
CA LYS C 232 -17.93 -6.61 6.31
C LYS C 232 -18.99 -6.16 7.34
N ALA C 233 -20.18 -5.78 6.89
CA ALA C 233 -21.23 -5.26 7.80
C ALA C 233 -21.53 -6.08 9.06
N VAL C 234 -22.08 -7.27 8.92
CA VAL C 234 -22.44 -8.07 10.09
C VAL C 234 -21.21 -8.55 10.86
N PHE C 235 -20.04 -8.64 10.22
CA PHE C 235 -18.88 -9.05 11.01
C PHE C 235 -18.54 -7.90 11.94
N GLY C 236 -18.62 -6.69 11.41
CA GLY C 236 -18.29 -5.54 12.21
C GLY C 236 -19.33 -5.28 13.28
N PHE C 237 -20.58 -5.67 13.07
CA PHE C 237 -21.51 -5.43 14.17
C PHE C 237 -21.22 -6.34 15.33
N PHE C 238 -20.77 -7.56 15.06
CA PHE C 238 -20.38 -8.45 16.15
C PHE C 238 -19.09 -7.99 16.79
N MET C 239 -18.17 -7.47 15.98
CA MET C 239 -16.90 -7.00 16.51
C MET C 239 -17.10 -5.69 17.23
N LEU C 240 -18.05 -4.87 16.77
CA LEU C 240 -18.37 -3.66 17.49
C LEU C 240 -18.94 -4.07 18.82
N GLY C 241 -19.84 -5.03 18.81
CA GLY C 241 -20.40 -5.53 20.06
C GLY C 241 -19.31 -5.97 20.99
N PHE C 242 -18.36 -6.76 20.52
CA PHE C 242 -17.26 -7.25 21.34
C PHE C 242 -16.50 -6.10 21.96
N ARG C 243 -16.12 -5.13 21.14
CA ARG C 243 -15.39 -3.95 21.60
C ARG C 243 -16.16 -3.24 22.68
N LEU C 244 -17.45 -3.02 22.47
CA LEU C 244 -18.25 -2.29 23.43
C LEU C 244 -18.35 -3.05 24.74
N GLU C 245 -18.51 -4.37 24.66
CA GLU C 245 -18.55 -5.18 25.86
C GLU C 245 -17.26 -5.02 26.63
N LEU C 246 -16.14 -5.12 25.93
CA LEU C 246 -14.84 -4.98 26.58
C LEU C 246 -14.74 -3.62 27.24
N GLU C 247 -15.17 -2.58 26.55
CA GLU C 247 -15.05 -1.22 27.07
C GLU C 247 -15.95 -0.97 28.25
N GLU C 248 -17.11 -1.62 28.26
CA GLU C 248 -17.98 -1.46 29.41
C GLU C 248 -17.40 -2.20 30.61
N LEU C 249 -16.83 -3.38 30.38
CA LEU C 249 -16.19 -4.11 31.46
C LEU C 249 -14.97 -3.38 31.96
N ASP C 250 -14.27 -2.68 31.07
CA ASP C 250 -13.10 -1.92 31.46
C ASP C 250 -13.54 -0.75 32.31
N PHE C 251 -14.59 -0.06 31.89
CA PHE C 251 -15.12 1.04 32.68
C PHE C 251 -15.46 0.54 34.06
N LYS C 252 -16.14 -0.60 34.14
CA LYS C 252 -16.49 -1.17 35.43
C LYS C 252 -15.26 -1.45 36.27
N ALA C 253 -14.25 -2.07 35.67
CA ALA C 253 -13.03 -2.39 36.39
C ALA C 253 -12.33 -1.15 36.90
N ILE C 254 -12.23 -0.13 36.05
CA ILE C 254 -11.60 1.12 36.45
C ILE C 254 -12.36 1.72 37.63
N GLU C 255 -13.67 1.76 37.54
CA GLU C 255 -14.47 2.34 38.61
C GLU C 255 -14.33 1.56 39.92
N ALA C 256 -14.18 0.24 39.84
CA ALA C 256 -14.00 -0.56 41.04
C ALA C 256 -12.61 -0.33 41.61
N GLU C 257 -11.61 -0.27 40.75
CA GLU C 257 -10.25 0.00 41.19
C GLU C 257 -10.21 1.35 41.88
N GLN C 258 -10.92 2.33 41.32
CA GLN C 258 -10.94 3.65 41.91
C GLN C 258 -11.67 3.67 43.25
N ALA C 259 -12.70 2.85 43.40
CA ALA C 259 -13.38 2.77 44.69
C ALA C 259 -12.42 2.22 45.74
N LYS C 260 -11.64 1.22 45.36
CA LYS C 260 -10.66 0.65 46.28
C LYS C 260 -9.52 1.62 46.53
N LEU C 261 -9.24 2.50 45.56
CA LEU C 261 -8.19 3.48 45.74
C LEU C 261 -8.62 4.52 46.75
N GLU C 262 -9.89 4.87 46.73
CA GLU C 262 -10.41 5.85 47.69
C GLU C 262 -10.55 5.19 49.06
N GLY C 263 -10.79 3.88 49.07
CA GLY C 263 -10.92 3.17 50.33
C GLY C 263 -9.64 2.45 50.72
#